data_3KMD
#
_entry.id   3KMD
#
_cell.length_a   65.084
_cell.length_b   93.713
_cell.length_c   145.570
_cell.angle_alpha   90.00
_cell.angle_beta   90.00
_cell.angle_gamma   90.00
#
_symmetry.space_group_name_H-M   'P 21 21 21'
#
loop_
_entity.id
_entity.type
_entity.pdbx_description
1 polymer 'Cellular tumor antigen p53'
2 polymer "5'-D(*GP*GP*GP*CP*AP*TP*GP*CP*CP*TP*AP*GP*GP*CP*AP*TP*GP*CP*C)-3'"
3 non-polymer 'ZINC ION'
4 water water
#
loop_
_entity_poly.entity_id
_entity_poly.type
_entity_poly.pdbx_seq_one_letter_code
_entity_poly.pdbx_strand_id
1 'polypeptide(L)'
;PLSSSVPSQKTYQGSYGFRLGFLHSGTAKSVTCTYSPALNKMFCQLAKTCPVQLWVDSTPPPGTRVRAMAIYKQSQHMTE
VVRRCPHHERCSDSDGLAPPQHLIRVEGNLRVEYLDDRNTFRHSVVVPYEPPEVGSDCTTIHYNYMCNSSCMGGMNRRPI
LTIITLEDSSGNLLGRNSFEVRVCACPGRDRRTEEENLRK
;
A,B,D,C
2 'polydeoxyribonucleotide' (DG)(DG)(DG)(DC)(DA)(DT)(DG)(DC)(DC)(DT)(DA)(DG)(DG)(DC)(DA)(DT)(DG)(DC)(DC) E,F
#
loop_
_chem_comp.id
_chem_comp.type
_chem_comp.name
_chem_comp.formula
DA DNA linking 2'-DEOXYADENOSINE-5'-MONOPHOSPHATE 'C10 H14 N5 O6 P'
DC DNA linking 2'-DEOXYCYTIDINE-5'-MONOPHOSPHATE 'C9 H14 N3 O7 P'
DG DNA linking 2'-DEOXYGUANOSINE-5'-MONOPHOSPHATE 'C10 H14 N5 O7 P'
DT DNA linking THYMIDINE-5'-MONOPHOSPHATE 'C10 H15 N2 O8 P'
ZN non-polymer 'ZINC ION' 'Zn 2'
#
# COMPACT_ATOMS: atom_id res chain seq x y z
N PRO A 1 -4.29 -10.29 15.36
CA PRO A 1 -5.65 -10.46 14.86
C PRO A 1 -6.65 -9.62 15.67
N LEU A 2 -7.93 -9.85 15.44
CA LEU A 2 -8.96 -9.08 16.12
C LEU A 2 -9.63 -9.89 17.24
N SER A 3 -10.12 -9.18 18.25
CA SER A 3 -10.88 -9.81 19.31
C SER A 3 -12.36 -9.67 19.00
N SER A 4 -13.16 -10.59 19.53
CA SER A 4 -14.60 -10.57 19.34
C SER A 4 -15.23 -9.48 20.19
N SER A 5 -14.48 -9.00 21.19
CA SER A 5 -15.04 -8.05 22.15
C SER A 5 -14.05 -6.96 22.52
N VAL A 6 -14.53 -5.99 23.26
CA VAL A 6 -13.68 -4.95 23.81
C VAL A 6 -13.88 -4.88 25.32
N PRO A 7 -12.78 -4.98 26.08
CA PRO A 7 -12.90 -4.90 27.55
C PRO A 7 -13.43 -3.55 27.98
N SER A 8 -14.34 -3.52 28.95
CA SER A 8 -14.81 -2.26 29.51
C SER A 8 -13.65 -1.50 30.15
N GLN A 9 -13.68 -0.17 30.05
CA GLN A 9 -12.63 0.65 30.64
C GLN A 9 -13.20 1.58 31.73
N LYS A 10 -14.49 1.50 31.95
CA LYS A 10 -15.15 2.28 33.00
C LYS A 10 -14.51 2.16 34.38
N THR A 11 -14.17 3.30 34.97
CA THR A 11 -13.67 3.32 36.32
C THR A 11 -14.74 2.78 37.26
N TYR A 12 -14.34 1.90 38.17
CA TYR A 12 -15.26 1.28 39.11
C TYR A 12 -14.48 1.00 40.37
N GLN A 13 -14.64 1.86 41.38
CA GLN A 13 -13.92 1.70 42.63
C GLN A 13 -14.45 0.50 43.42
N GLY A 14 -15.71 0.18 43.22
CA GLY A 14 -16.31 -1.00 43.84
C GLY A 14 -16.41 -0.95 45.36
N SER A 15 -16.72 -2.10 45.96
CA SER A 15 -16.92 -2.19 47.41
C SER A 15 -15.68 -1.87 48.22
N TYR A 16 -14.51 -2.13 47.65
CA TYR A 16 -13.28 -1.97 48.40
C TYR A 16 -12.59 -0.62 48.19
N GLY A 17 -13.22 0.27 47.42
CA GLY A 17 -12.69 1.61 47.23
C GLY A 17 -11.36 1.57 46.49
N PHE A 18 -11.32 0.83 45.40
CA PHE A 18 -10.09 0.56 44.66
C PHE A 18 -9.69 1.77 43.83
N ARG A 19 -8.48 2.29 44.07
CA ARG A 19 -7.92 3.42 43.31
C ARG A 19 -6.48 3.11 42.93
N LEU A 20 -5.96 3.80 41.91
CA LEU A 20 -4.54 3.71 41.57
C LEU A 20 -3.79 4.93 42.09
N GLY A 21 -2.50 4.75 42.36
CA GLY A 21 -1.63 5.87 42.66
C GLY A 21 -0.33 5.72 41.87
N PHE A 22 0.38 6.82 41.67
CA PHE A 22 1.62 6.82 40.92
C PHE A 22 2.67 7.70 41.60
N LEU A 23 3.95 7.40 41.39
CA LEU A 23 5.03 8.21 41.95
C LEU A 23 5.08 9.63 41.36
N HIS A 24 5.82 10.53 42.01
CA HIS A 24 5.86 11.94 41.62
C HIS A 24 7.03 12.29 40.69
N SER A 25 7.60 11.29 40.04
CA SER A 25 8.73 11.52 39.13
C SER A 25 8.51 12.78 38.29
N GLY A 26 9.57 13.56 38.11
CA GLY A 26 9.51 14.76 37.30
C GLY A 26 9.65 14.45 35.82
N THR A 27 10.14 15.42 35.06
CA THR A 27 10.28 15.24 33.62
C THR A 27 11.71 15.44 33.12
N ALA A 28 12.70 14.98 33.89
CA ALA A 28 14.10 15.23 33.57
C ALA A 28 14.21 14.11 32.54
N LYS A 29 13.67 14.37 31.34
CA LYS A 29 14.00 13.83 30.01
C LYS A 29 14.55 12.41 30.03
N SER A 30 15.61 12.22 30.83
CA SER A 30 16.22 10.90 30.99
C SER A 30 15.29 9.97 31.76
N VAL A 31 14.39 10.55 32.54
CA VAL A 31 13.52 9.78 33.43
C VAL A 31 12.98 8.51 32.76
N THR A 32 12.90 7.43 33.53
CA THR A 32 12.52 6.14 32.95
C THR A 32 11.03 5.82 33.07
N CYS A 33 10.36 6.43 34.03
CA CYS A 33 8.91 6.31 34.20
C CYS A 33 8.37 7.54 34.91
N THR A 34 7.47 8.26 34.25
CA THR A 34 6.87 9.44 34.85
C THR A 34 5.39 9.50 34.50
N TYR A 35 4.58 9.88 35.47
CA TYR A 35 3.13 9.90 35.33
C TYR A 35 2.62 11.34 35.23
N SER A 36 1.67 11.58 34.33
CA SER A 36 1.05 12.88 34.16
C SER A 36 -0.37 12.89 34.70
N PRO A 37 -0.60 13.56 35.85
CA PRO A 37 -1.96 13.69 36.40
C PRO A 37 -2.89 14.45 35.45
N ALA A 38 -2.35 15.41 34.71
CA ALA A 38 -3.16 16.20 33.78
C ALA A 38 -3.76 15.32 32.69
N LEU A 39 -2.96 14.38 32.20
CA LEU A 39 -3.38 13.49 31.11
C LEU A 39 -3.86 12.11 31.59
N ASN A 40 -3.71 11.82 32.88
CA ASN A 40 -3.84 10.45 33.40
C ASN A 40 -3.07 9.49 32.50
N LYS A 41 -1.79 9.78 32.30
CA LYS A 41 -0.99 9.06 31.30
C LYS A 41 0.40 8.77 31.83
N MET A 42 0.82 7.52 31.75
CA MET A 42 2.16 7.13 32.13
C MET A 42 3.06 7.24 30.90
N PHE A 43 4.26 7.78 31.10
CA PHE A 43 5.28 7.82 30.06
C PHE A 43 6.46 7.00 30.57
N CYS A 44 6.89 5.98 29.82
CA CYS A 44 7.91 5.09 30.35
C CYS A 44 8.81 4.52 29.25
N GLN A 45 10.00 4.08 29.63
CA GLN A 45 10.90 3.46 28.68
C GLN A 45 10.67 1.95 28.62
N LEU A 46 11.02 1.38 27.47
CA LEU A 46 10.86 -0.05 27.20
C LEU A 46 11.62 -0.88 28.21
N ALA A 47 10.93 -1.86 28.80
CA ALA A 47 11.52 -2.80 29.74
C ALA A 47 11.90 -2.20 31.09
N LYS A 48 11.65 -0.92 31.29
CA LYS A 48 11.96 -0.28 32.57
C LYS A 48 10.82 -0.47 33.58
N THR A 49 11.17 -0.38 34.85
CA THR A 49 10.21 -0.56 35.94
C THR A 49 9.16 0.55 35.96
N CYS A 50 7.89 0.15 35.98
CA CYS A 50 6.79 1.11 36.08
C CYS A 50 5.95 0.81 37.29
N PRO A 51 6.19 1.53 38.40
CA PRO A 51 5.45 1.25 39.63
C PRO A 51 4.03 1.77 39.53
N VAL A 52 3.08 0.92 39.90
CA VAL A 52 1.69 1.33 40.00
C VAL A 52 1.21 0.95 41.39
N GLN A 53 0.62 1.90 42.09
CA GLN A 53 0.16 1.66 43.44
C GLN A 53 -1.31 1.28 43.44
N LEU A 54 -1.64 0.23 44.18
CA LEU A 54 -3.03 -0.12 44.38
C LEU A 54 -3.49 0.37 45.75
N TRP A 55 -4.52 1.22 45.77
CA TRP A 55 -5.07 1.75 47.02
C TRP A 55 -6.47 1.18 47.21
N VAL A 56 -6.79 0.73 48.42
CA VAL A 56 -8.15 0.32 48.74
C VAL A 56 -8.59 0.89 50.09
N ASP A 57 -9.89 1.13 50.25
CA ASP A 57 -10.41 1.63 51.51
C ASP A 57 -10.50 0.49 52.52
N SER A 58 -10.82 -0.71 52.03
CA SER A 58 -10.79 -1.90 52.87
C SER A 58 -10.21 -3.11 52.13
N THR A 59 -9.71 -4.07 52.90
CA THR A 59 -8.96 -5.18 52.35
C THR A 59 -9.84 -6.25 51.70
N PRO A 60 -9.62 -6.52 50.41
CA PRO A 60 -10.35 -7.56 49.69
C PRO A 60 -9.96 -8.94 50.22
N PRO A 61 -10.82 -9.94 50.02
CA PRO A 61 -10.57 -11.29 50.57
C PRO A 61 -9.33 -11.95 49.98
N PRO A 62 -8.73 -12.87 50.74
CA PRO A 62 -7.65 -13.71 50.22
C PRO A 62 -8.11 -14.43 48.96
N GLY A 63 -7.24 -14.50 47.95
CA GLY A 63 -7.60 -15.09 46.68
C GLY A 63 -7.97 -14.03 45.65
N THR A 64 -8.13 -12.79 46.11
CA THR A 64 -8.29 -11.66 45.19
C THR A 64 -7.05 -11.52 44.31
N ARG A 65 -7.27 -11.23 43.03
CA ARG A 65 -6.16 -11.08 42.10
C ARG A 65 -6.20 -9.73 41.40
N VAL A 66 -5.04 -9.34 40.85
CA VAL A 66 -4.90 -8.06 40.14
C VAL A 66 -4.43 -8.35 38.73
N ARG A 67 -5.22 -7.90 37.76
CA ARG A 67 -4.96 -8.16 36.36
C ARG A 67 -4.68 -6.86 35.60
N ALA A 68 -3.74 -6.93 34.65
CA ALA A 68 -3.45 -5.82 33.77
C ALA A 68 -3.59 -6.25 32.33
N MET A 69 -4.23 -5.41 31.53
CA MET A 69 -4.46 -5.65 30.12
C MET A 69 -4.33 -4.34 29.36
N ALA A 70 -3.74 -4.38 28.17
CA ALA A 70 -3.71 -3.19 27.32
C ALA A 70 -4.77 -3.28 26.25
N ILE A 71 -5.34 -2.13 25.87
CA ILE A 71 -6.14 -2.03 24.66
C ILE A 71 -5.76 -0.74 23.95
N TYR A 72 -5.99 -0.69 22.64
CA TYR A 72 -5.84 0.56 21.92
C TYR A 72 -6.88 1.58 22.38
N LYS A 73 -6.46 2.82 22.53
CA LYS A 73 -7.35 3.89 22.99
C LYS A 73 -8.33 4.39 21.92
N GLN A 74 -7.85 4.50 20.68
CA GLN A 74 -8.71 4.96 19.57
C GLN A 74 -9.75 3.93 19.22
N SER A 75 -11.01 4.36 19.12
CA SER A 75 -12.13 3.42 18.96
C SER A 75 -11.98 2.47 17.75
N GLN A 76 -11.41 2.95 16.65
CA GLN A 76 -11.32 2.08 15.47
C GLN A 76 -10.28 0.97 15.63
N HIS A 77 -9.38 1.11 16.61
CA HIS A 77 -8.37 0.08 16.87
C HIS A 77 -8.71 -0.79 18.08
N MET A 78 -9.80 -0.47 18.76
CA MET A 78 -10.11 -1.12 20.02
C MET A 78 -10.19 -2.65 19.95
N THR A 79 -10.68 -3.19 18.82
CA THR A 79 -10.85 -4.63 18.69
C THR A 79 -9.54 -5.34 18.34
N GLU A 80 -8.51 -4.59 17.99
CA GLU A 80 -7.23 -5.21 17.66
C GLU A 80 -6.46 -5.53 18.94
N VAL A 81 -6.07 -6.79 19.10
CA VAL A 81 -5.33 -7.22 20.27
C VAL A 81 -3.98 -6.49 20.35
N VAL A 82 -3.68 -5.91 21.51
CA VAL A 82 -2.38 -5.30 21.72
C VAL A 82 -1.32 -6.39 21.96
N ARG A 83 -0.28 -6.40 21.15
CA ARG A 83 0.78 -7.41 21.28
C ARG A 83 2.13 -6.83 20.89
N ARG A 84 3.21 -7.55 21.18
CA ARG A 84 4.54 -7.10 20.81
C ARG A 84 4.74 -7.15 19.31
N CYS A 85 5.63 -6.32 18.79
CA CYS A 85 5.94 -6.32 17.37
C CYS A 85 6.74 -7.57 17.02
N PRO A 86 6.86 -7.87 15.72
CA PRO A 86 7.55 -9.09 15.29
C PRO A 86 9.00 -9.10 15.74
N HIS A 87 9.67 -7.94 15.74
CA HIS A 87 11.06 -7.91 16.16
C HIS A 87 11.21 -8.24 17.65
N HIS A 88 10.47 -7.55 18.50
CA HIS A 88 10.64 -7.75 19.93
C HIS A 88 10.11 -9.12 20.37
N GLU A 89 9.14 -9.63 19.62
CA GLU A 89 8.60 -10.95 19.85
C GLU A 89 9.70 -12.00 19.65
N ARG A 90 10.59 -11.75 18.70
CA ARG A 90 11.60 -12.72 18.30
C ARG A 90 12.91 -12.59 19.08
N CYS A 91 13.18 -11.39 19.57
CA CYS A 91 14.44 -11.16 20.27
C CYS A 91 14.44 -11.98 21.56
N SER A 92 15.62 -12.17 22.14
CA SER A 92 15.79 -13.12 23.24
C SER A 92 15.75 -12.45 24.60
N ASP A 93 14.62 -11.88 24.97
CA ASP A 93 14.54 -11.09 26.19
C ASP A 93 13.54 -11.60 27.22
N SER A 94 12.99 -12.78 26.98
CA SER A 94 12.06 -13.36 27.94
C SER A 94 12.74 -13.57 29.29
N ASP A 95 11.99 -13.34 30.36
CA ASP A 95 12.53 -13.45 31.71
C ASP A 95 12.33 -14.86 32.28
N GLY A 96 11.95 -15.79 31.41
CA GLY A 96 11.73 -17.16 31.84
C GLY A 96 10.30 -17.40 32.28
N LEU A 97 9.57 -16.30 32.51
CA LEU A 97 8.19 -16.39 32.99
C LEU A 97 7.18 -15.91 31.95
N ALA A 98 7.50 -14.82 31.27
CA ALA A 98 6.56 -14.18 30.35
C ALA A 98 6.68 -14.71 28.93
N PRO A 99 5.54 -15.04 28.31
CA PRO A 99 5.57 -15.41 26.89
C PRO A 99 6.12 -14.25 26.06
N PRO A 100 6.79 -14.56 24.94
CA PRO A 100 7.51 -13.56 24.14
C PRO A 100 6.60 -12.50 23.54
N GLN A 101 5.34 -12.82 23.30
CA GLN A 101 4.45 -11.90 22.62
C GLN A 101 3.66 -10.97 23.53
N HIS A 102 3.82 -11.12 24.84
CA HIS A 102 3.07 -10.29 25.79
C HIS A 102 3.70 -8.92 25.93
N LEU A 103 2.92 -7.87 25.71
CA LEU A 103 3.41 -6.51 25.92
C LEU A 103 3.74 -6.24 27.36
N ILE A 104 2.83 -6.59 28.26
CA ILE A 104 2.94 -6.19 29.66
C ILE A 104 3.42 -7.34 30.54
N ARG A 105 4.49 -7.09 31.29
CA ARG A 105 5.02 -8.06 32.24
C ARG A 105 4.95 -7.52 33.65
N VAL A 106 4.97 -8.41 34.63
CA VAL A 106 5.15 -7.97 36.01
C VAL A 106 6.54 -8.42 36.42
N GLU A 107 7.32 -7.52 37.01
CA GLU A 107 8.65 -7.94 37.44
C GLU A 107 8.66 -8.20 38.94
N GLY A 108 9.48 -9.18 39.33
CA GLY A 108 9.70 -9.47 40.73
C GLY A 108 8.53 -10.16 41.43
N ASN A 109 7.85 -11.05 40.73
CA ASN A 109 6.77 -11.81 41.35
C ASN A 109 6.68 -13.22 40.81
N LEU A 110 7.08 -14.19 41.64
CA LEU A 110 7.11 -15.59 41.22
C LEU A 110 5.72 -16.16 40.96
N ARG A 111 4.69 -15.52 41.51
CA ARG A 111 3.33 -16.02 41.35
C ARG A 111 2.58 -15.38 40.19
N VAL A 112 3.32 -14.71 39.30
CA VAL A 112 2.71 -14.08 38.14
C VAL A 112 2.16 -15.16 37.20
N GLU A 113 0.99 -14.89 36.64
CA GLU A 113 0.45 -15.74 35.57
C GLU A 113 0.19 -14.91 34.31
N TYR A 114 0.47 -15.50 33.15
CA TYR A 114 0.17 -14.86 31.88
C TYR A 114 -0.94 -15.60 31.16
N LEU A 115 -1.98 -14.86 30.78
CA LEU A 115 -3.13 -15.49 30.14
C LEU A 115 -3.26 -15.06 28.70
N ASP A 116 -3.54 -16.03 27.85
CA ASP A 116 -3.94 -15.78 26.47
C ASP A 116 -5.37 -16.29 26.34
N ASP A 117 -6.32 -15.38 26.47
CA ASP A 117 -7.74 -15.73 26.56
C ASP A 117 -8.22 -16.46 25.32
N ARG A 118 -8.79 -17.64 25.51
CA ARG A 118 -9.19 -18.50 24.39
C ARG A 118 -10.37 -17.94 23.61
N ASN A 119 -11.18 -17.13 24.28
CA ASN A 119 -12.39 -16.59 23.66
C ASN A 119 -12.20 -15.19 23.09
N THR A 120 -11.47 -14.34 23.81
CA THR A 120 -11.28 -12.95 23.39
C THR A 120 -9.95 -12.73 22.68
N PHE A 121 -9.01 -13.65 22.90
CA PHE A 121 -7.67 -13.58 22.30
C PHE A 121 -6.81 -12.48 22.95
N ARG A 122 -7.30 -11.89 24.03
CA ARG A 122 -6.57 -10.85 24.74
C ARG A 122 -5.46 -11.43 25.60
N HIS A 123 -4.34 -10.71 25.70
CA HIS A 123 -3.29 -11.08 26.63
C HIS A 123 -3.53 -10.33 27.94
N SER A 124 -3.15 -10.94 29.06
CA SER A 124 -3.14 -10.23 30.32
C SER A 124 -2.17 -10.88 31.28
N VAL A 125 -1.79 -10.12 32.29
CA VAL A 125 -0.89 -10.59 33.33
C VAL A 125 -1.56 -10.36 34.68
N VAL A 126 -1.53 -11.39 35.52
CA VAL A 126 -2.27 -11.40 36.78
C VAL A 126 -1.38 -11.87 37.93
N VAL A 127 -1.50 -11.19 39.07
CA VAL A 127 -0.81 -11.59 40.27
C VAL A 127 -1.80 -11.61 41.43
N PRO A 128 -1.49 -12.36 42.49
CA PRO A 128 -2.35 -12.32 43.69
C PRO A 128 -2.28 -10.94 44.31
N TYR A 129 -3.41 -10.43 44.79
CA TYR A 129 -3.40 -9.19 45.54
C TYR A 129 -2.80 -9.45 46.92
N GLU A 130 -1.92 -8.56 47.38
CA GLU A 130 -1.36 -8.65 48.71
C GLU A 130 -1.63 -7.33 49.44
N PRO A 131 -2.26 -7.39 50.64
CA PRO A 131 -2.47 -6.13 51.36
C PRO A 131 -1.12 -5.46 51.59
N PRO A 132 -1.10 -4.14 51.82
CA PRO A 132 0.20 -3.47 51.95
C PRO A 132 1.03 -4.08 53.07
N GLU A 133 2.35 -4.02 52.94
CA GLU A 133 3.23 -4.39 54.03
C GLU A 133 2.85 -3.52 55.22
N VAL A 134 2.96 -4.07 56.44
CA VAL A 134 2.65 -3.27 57.63
C VAL A 134 3.51 -2.00 57.61
N GLY A 135 2.88 -0.86 57.80
CA GLY A 135 3.58 0.42 57.73
C GLY A 135 3.41 1.09 56.37
N SER A 136 2.79 0.38 55.44
CA SER A 136 2.52 0.94 54.11
C SER A 136 1.01 1.13 53.94
N ASP A 137 0.63 2.07 53.07
CA ASP A 137 -0.77 2.38 52.84
C ASP A 137 -1.25 1.81 51.51
N CYS A 138 -0.32 1.30 50.73
CA CYS A 138 -0.71 0.80 49.41
C CYS A 138 0.17 -0.35 49.01
N THR A 139 -0.31 -1.07 48.01
CA THR A 139 0.45 -2.16 47.44
C THR A 139 0.97 -1.72 46.08
N THR A 140 2.27 -1.87 45.86
CA THR A 140 2.87 -1.46 44.60
C THR A 140 3.13 -2.66 43.71
N ILE A 141 2.71 -2.57 42.46
CA ILE A 141 3.04 -3.58 41.48
C ILE A 141 3.99 -2.96 40.46
N HIS A 142 4.95 -3.75 39.99
CA HIS A 142 5.93 -3.25 39.05
C HIS A 142 5.75 -3.86 37.67
N TYR A 143 5.29 -3.03 36.75
CA TYR A 143 5.07 -3.49 35.39
C TYR A 143 6.24 -3.13 34.51
N ASN A 144 6.44 -3.90 33.44
CA ASN A 144 7.38 -3.58 32.39
C ASN A 144 6.59 -3.58 31.10
N TYR A 145 6.85 -2.62 30.23
CA TYR A 145 6.24 -2.61 28.90
C TYR A 145 7.33 -2.93 27.86
N MET A 146 7.09 -3.94 27.04
CA MET A 146 8.14 -4.58 26.27
C MET A 146 8.22 -4.20 24.78
N CYS A 147 7.47 -3.18 24.39
CA CYS A 147 7.63 -2.51 23.09
C CYS A 147 7.45 -1.00 23.30
N ASN A 148 8.01 -0.21 22.40
CA ASN A 148 7.72 1.21 22.32
C ASN A 148 6.39 1.40 21.64
N SER A 149 5.70 2.49 21.95
CA SER A 149 4.41 2.78 21.31
C SER A 149 4.60 2.86 19.80
N SER A 150 5.81 3.22 19.37
CA SER A 150 6.12 3.42 17.94
C SER A 150 6.50 2.16 17.17
N CYS A 151 6.57 1.00 17.82
CA CYS A 151 7.12 -0.19 17.15
C CYS A 151 6.31 -0.53 15.91
N MET A 152 6.98 -0.59 14.77
CA MET A 152 6.29 -0.90 13.53
C MET A 152 5.89 -2.38 13.54
N GLY A 153 4.71 -2.68 13.03
CA GLY A 153 4.16 -4.02 13.13
C GLY A 153 3.62 -4.37 14.51
N GLY A 154 3.71 -3.43 15.46
CA GLY A 154 3.18 -3.61 16.79
C GLY A 154 2.17 -2.52 17.09
N MET A 155 2.39 -1.76 18.16
CA MET A 155 1.50 -0.65 18.47
C MET A 155 1.53 0.43 17.38
N ASN A 156 2.63 0.51 16.62
CA ASN A 156 2.71 1.35 15.42
C ASN A 156 2.22 2.77 15.67
N ARG A 157 2.66 3.38 16.71
CA ARG A 157 2.32 4.75 17.06
C ARG A 157 0.89 4.98 17.58
N ARG A 158 0.18 3.94 17.86
CA ARG A 158 -1.16 4.10 18.42
C ARG A 158 -1.10 4.10 19.95
N PRO A 159 -1.75 5.07 20.59
CA PRO A 159 -1.83 5.11 22.05
C PRO A 159 -2.60 3.92 22.61
N ILE A 160 -2.23 3.49 23.81
CA ILE A 160 -2.94 2.40 24.47
C ILE A 160 -3.39 2.83 25.85
N LEU A 161 -4.35 2.09 26.39
CA LEU A 161 -4.71 2.20 27.79
C LEU A 161 -4.28 0.93 28.49
N THR A 162 -3.85 1.07 29.73
CA THR A 162 -3.69 -0.10 30.56
C THR A 162 -4.90 -0.15 31.49
N ILE A 163 -5.58 -1.30 31.50
CA ILE A 163 -6.73 -1.50 32.38
C ILE A 163 -6.30 -2.41 33.55
N ILE A 164 -6.43 -1.89 34.76
CA ILE A 164 -6.11 -2.67 35.95
C ILE A 164 -7.39 -3.13 36.63
N THR A 165 -7.61 -4.43 36.73
CA THR A 165 -8.82 -4.91 37.39
C THR A 165 -8.56 -5.70 38.67
N LEU A 166 -9.36 -5.42 39.68
CA LEU A 166 -9.39 -6.22 40.88
C LEU A 166 -10.46 -7.28 40.64
N GLU A 167 -10.11 -8.55 40.75
CA GLU A 167 -11.10 -9.60 40.53
C GLU A 167 -11.05 -10.68 41.61
N ASP A 168 -12.19 -11.32 41.82
CA ASP A 168 -12.22 -12.41 42.77
C ASP A 168 -11.64 -13.68 42.15
N SER A 169 -11.67 -14.76 42.93
CA SER A 169 -10.96 -15.98 42.58
C SER A 169 -11.53 -16.66 41.34
N SER A 170 -12.79 -16.35 41.02
CA SER A 170 -13.45 -16.81 39.79
C SER A 170 -13.23 -15.89 38.60
N GLY A 171 -12.64 -14.72 38.85
CA GLY A 171 -12.39 -13.77 37.78
C GLY A 171 -13.46 -12.70 37.71
N ASN A 172 -14.41 -12.73 38.65
CA ASN A 172 -15.46 -11.72 38.69
C ASN A 172 -14.90 -10.35 39.09
N LEU A 173 -15.49 -9.29 38.55
CA LEU A 173 -14.98 -7.93 38.72
C LEU A 173 -15.24 -7.38 40.13
N LEU A 174 -14.18 -6.91 40.79
CA LEU A 174 -14.29 -6.28 42.10
C LEU A 174 -14.06 -4.78 41.97
N GLY A 175 -13.26 -4.39 40.98
CA GLY A 175 -12.91 -2.99 40.80
C GLY A 175 -12.13 -2.81 39.51
N ARG A 176 -12.11 -1.59 38.99
CA ARG A 176 -11.41 -1.34 37.74
C ARG A 176 -10.92 0.09 37.68
N ASN A 177 -9.70 0.27 37.17
CA ASN A 177 -9.14 1.59 36.90
C ASN A 177 -8.31 1.49 35.66
N SER A 178 -7.90 2.62 35.09
CA SER A 178 -7.11 2.60 33.87
C SER A 178 -6.28 3.85 33.73
N PHE A 179 -5.25 3.77 32.90
CA PHE A 179 -4.48 4.95 32.54
C PHE A 179 -3.92 4.79 31.14
N GLU A 180 -3.65 5.91 30.47
CA GLU A 180 -3.04 5.87 29.16
C GLU A 180 -1.55 5.62 29.34
N VAL A 181 -0.94 5.00 28.34
CA VAL A 181 0.49 4.72 28.37
C VAL A 181 1.15 5.10 27.06
N ARG A 182 2.27 5.80 27.16
CA ARG A 182 3.19 5.97 26.04
C ARG A 182 4.54 5.34 26.39
N VAL A 183 4.96 4.35 25.61
CA VAL A 183 6.27 3.74 25.82
C VAL A 183 7.21 4.36 24.79
N CYS A 184 8.25 5.01 25.25
CA CYS A 184 9.06 5.84 24.38
C CYS A 184 10.48 6.01 24.92
N ALA A 185 11.37 6.52 24.09
CA ALA A 185 12.77 6.71 24.47
C ALA A 185 13.00 7.84 25.46
N CYS A 186 12.21 8.91 25.34
CA CYS A 186 12.39 10.08 26.19
C CYS A 186 11.09 10.49 26.90
N PRO A 187 10.74 9.79 27.99
CA PRO A 187 9.47 10.03 28.68
C PRO A 187 9.29 11.49 29.12
N GLY A 188 10.32 12.09 29.72
CA GLY A 188 10.22 13.47 30.20
C GLY A 188 10.00 14.45 29.06
N ARG A 189 10.74 14.30 27.98
CA ARG A 189 10.54 15.15 26.81
C ARG A 189 9.12 15.03 26.28
N ASP A 190 8.66 13.80 26.11
CA ASP A 190 7.37 13.56 25.48
C ASP A 190 6.21 13.96 26.40
N ARG A 191 6.37 13.77 27.71
CA ARG A 191 5.33 14.20 28.65
C ARG A 191 5.16 15.72 28.59
N ARG A 192 6.27 16.44 28.62
CA ARG A 192 6.17 17.90 28.58
C ARG A 192 5.55 18.36 27.27
N THR A 193 5.92 17.72 26.16
CA THR A 193 5.34 18.07 24.87
C THR A 193 3.81 17.90 24.84
N GLU A 194 3.32 16.76 25.31
CA GLU A 194 1.88 16.53 25.31
C GLU A 194 1.12 17.42 26.30
N GLU A 195 1.76 17.74 27.43
CA GLU A 195 1.15 18.66 28.37
C GLU A 195 1.07 20.09 27.80
N GLU A 196 2.13 20.52 27.12
CA GLU A 196 2.14 21.82 26.46
C GLU A 196 1.04 21.89 25.40
N ASN A 197 0.89 20.82 24.64
CA ASN A 197 -0.11 20.77 23.57
C ASN A 197 -1.55 20.81 24.07
N LEU A 198 -1.72 20.64 25.37
CA LEU A 198 -3.03 20.73 25.99
C LEU A 198 -3.52 22.18 25.89
N ARG A 199 -2.57 23.11 25.91
CA ARG A 199 -2.86 24.54 25.82
C ARG A 199 -3.05 24.99 24.38
N LYS A 200 -2.88 24.05 23.45
CA LYS A 200 -2.99 24.35 22.03
C LYS A 200 -4.23 23.71 21.43
N PRO B 1 21.37 -15.53 11.22
CA PRO B 1 22.55 -16.26 11.73
C PRO B 1 23.82 -15.78 11.05
N LEU B 2 24.92 -16.50 11.30
CA LEU B 2 26.21 -16.12 10.75
C LEU B 2 26.62 -17.02 9.59
N SER B 3 27.40 -16.45 8.67
CA SER B 3 27.95 -17.21 7.55
C SER B 3 29.35 -17.70 7.91
N SER B 4 29.76 -18.80 7.30
CA SER B 4 31.08 -19.36 7.52
C SER B 4 32.14 -18.52 6.81
N SER B 5 31.69 -17.71 5.85
CA SER B 5 32.61 -16.95 5.01
C SER B 5 32.14 -15.53 4.74
N VAL B 6 33.00 -14.75 4.10
CA VAL B 6 32.65 -13.41 3.65
C VAL B 6 32.95 -13.30 2.17
N PRO B 7 31.96 -12.92 1.37
CA PRO B 7 32.19 -12.75 -0.07
C PRO B 7 33.21 -11.65 -0.32
N SER B 8 34.11 -11.89 -1.26
CA SER B 8 35.06 -10.86 -1.68
C SER B 8 34.32 -9.65 -2.24
N GLN B 9 34.85 -8.46 -2.02
CA GLN B 9 34.22 -7.25 -2.53
C GLN B 9 35.14 -6.53 -3.52
N LYS B 10 36.32 -7.11 -3.75
CA LYS B 10 37.31 -6.51 -4.63
C LYS B 10 36.79 -6.25 -6.05
N THR B 11 36.91 -5.01 -6.49
CA THR B 11 36.56 -4.67 -7.86
C THR B 11 37.44 -5.49 -8.82
N TYR B 12 36.79 -6.06 -9.83
CA TYR B 12 37.46 -6.90 -10.81
C TYR B 12 36.73 -6.75 -12.12
N GLN B 13 37.26 -5.92 -13.01
CA GLN B 13 36.62 -5.68 -14.29
C GLN B 13 36.72 -6.91 -15.20
N GLY B 14 37.75 -7.71 -15.00
CA GLY B 14 37.92 -8.96 -15.73
C GLY B 14 38.11 -8.82 -17.23
N SER B 15 38.00 -9.94 -17.94
CA SER B 15 38.27 -9.97 -19.38
C SER B 15 37.32 -9.12 -20.20
N TYR B 16 36.09 -8.96 -19.69
CA TYR B 16 35.07 -8.26 -20.46
C TYR B 16 34.93 -6.78 -20.13
N GLY B 17 35.79 -6.30 -19.25
CA GLY B 17 35.79 -4.89 -18.88
C GLY B 17 34.49 -4.47 -18.22
N PHE B 18 34.09 -5.25 -17.22
CA PHE B 18 32.80 -5.09 -16.54
C PHE B 18 32.84 -3.88 -15.60
N ARG B 19 31.93 -2.93 -15.81
CA ARG B 19 31.78 -1.75 -14.95
C ARG B 19 30.30 -1.53 -14.65
N LEU B 20 30.02 -0.78 -13.59
CA LEU B 20 28.66 -0.38 -13.28
C LEU B 20 28.45 1.10 -13.67
N GLY B 21 27.23 1.45 -14.02
CA GLY B 21 26.86 2.83 -14.20
C GLY B 21 25.54 3.12 -13.47
N PHE B 22 25.28 4.40 -13.19
CA PHE B 22 24.07 4.80 -12.49
C PHE B 22 23.49 6.07 -13.10
N LEU B 23 22.17 6.26 -12.96
CA LEU B 23 21.50 7.46 -13.47
C LEU B 23 21.93 8.72 -12.72
N HIS B 24 21.65 9.89 -13.31
CA HIS B 24 22.11 11.16 -12.76
C HIS B 24 21.11 11.85 -11.83
N SER B 25 20.16 11.09 -11.30
CA SER B 25 19.14 11.65 -10.42
C SER B 25 19.75 12.65 -9.44
N GLY B 26 19.04 13.75 -9.20
CA GLY B 26 19.52 14.77 -8.28
C GLY B 26 19.24 14.38 -6.84
N THR B 27 19.29 15.36 -5.94
CA THR B 27 19.10 15.08 -4.53
C THR B 27 17.82 15.68 -3.95
N ALA B 28 16.77 15.77 -4.76
CA ALA B 28 15.46 16.14 -4.24
C ALA B 28 15.21 15.32 -2.98
N LYS B 29 14.68 15.98 -1.95
CA LYS B 29 14.49 15.39 -0.63
C LYS B 29 14.12 13.92 -0.67
N SER B 30 13.05 13.58 -1.37
CA SER B 30 12.60 12.20 -1.42
C SER B 30 12.60 11.61 -2.82
N VAL B 31 13.67 11.87 -3.57
CA VAL B 31 13.86 11.19 -4.84
C VAL B 31 13.89 9.70 -4.51
N THR B 32 13.34 8.87 -5.38
CA THR B 32 13.16 7.46 -5.07
C THR B 32 14.47 6.66 -5.13
N CYS B 33 15.40 7.10 -5.98
CA CYS B 33 16.69 6.46 -6.10
C CYS B 33 17.72 7.46 -6.65
N THR B 34 18.78 7.69 -5.90
CA THR B 34 19.82 8.60 -6.32
C THR B 34 21.18 8.08 -5.91
N TYR B 35 22.15 8.23 -6.82
CA TYR B 35 23.47 7.68 -6.63
C TYR B 35 24.48 8.78 -6.36
N SER B 36 25.39 8.53 -5.44
CA SER B 36 26.43 9.50 -5.10
C SER B 36 27.79 9.01 -5.60
N PRO B 37 28.33 9.66 -6.65
CA PRO B 37 29.68 9.33 -7.15
C PRO B 37 30.74 9.57 -6.08
N ALA B 38 30.54 10.59 -5.25
CA ALA B 38 31.53 10.93 -4.24
C ALA B 38 31.68 9.81 -3.23
N LEU B 39 30.55 9.18 -2.89
CA LEU B 39 30.53 8.13 -1.87
C LEU B 39 30.47 6.72 -2.45
N ASN B 40 30.35 6.60 -3.77
CA ASN B 40 29.98 5.33 -4.41
C ASN B 40 28.84 4.66 -3.64
N LYS B 41 27.75 5.41 -3.46
CA LYS B 41 26.66 4.97 -2.60
C LYS B 41 25.31 5.26 -3.22
N MET B 42 24.47 4.24 -3.30
CA MET B 42 23.10 4.45 -3.74
C MET B 42 22.21 4.77 -2.55
N PHE B 43 21.34 5.76 -2.70
CA PHE B 43 20.35 6.10 -1.70
C PHE B 43 19.00 5.84 -2.36
N CYS B 44 18.16 5.02 -1.75
CA CYS B 44 16.90 4.65 -2.38
C CYS B 44 15.79 4.37 -1.37
N GLN B 45 14.55 4.41 -1.83
CA GLN B 45 13.42 4.11 -0.96
C GLN B 45 13.07 2.62 -1.03
N LEU B 46 12.45 2.13 0.04
CA LEU B 46 12.04 0.73 0.16
C LEU B 46 11.08 0.32 -0.96
N ALA B 47 11.41 -0.76 -1.64
CA ALA B 47 10.57 -1.33 -2.70
C ALA B 47 10.53 -0.52 -4.01
N LYS B 48 11.25 0.59 -4.07
CA LYS B 48 11.27 1.40 -5.28
C LYS B 48 12.31 0.89 -6.25
N THR B 49 12.11 1.20 -7.52
CA THR B 49 13.01 0.78 -8.60
C THR B 49 14.39 1.41 -8.44
N CYS B 50 15.43 0.57 -8.46
CA CYS B 50 16.80 1.06 -8.44
C CYS B 50 17.55 0.57 -9.67
N PRO B 51 17.70 1.44 -10.69
CA PRO B 51 18.36 1.00 -11.92
C PRO B 51 19.86 0.92 -11.73
N VAL B 52 20.44 -0.21 -12.14
CA VAL B 52 21.88 -0.34 -12.15
C VAL B 52 22.29 -0.75 -13.57
N GLN B 53 23.20 0.02 -14.16
CA GLN B 53 23.67 -0.28 -15.51
C GLN B 53 24.87 -1.19 -15.50
N LEU B 54 24.86 -2.20 -16.37
CA LEU B 54 26.02 -3.06 -16.57
C LEU B 54 26.71 -2.65 -17.87
N TRP B 55 27.97 -2.24 -17.75
CA TRP B 55 28.78 -1.86 -18.90
C TRP B 55 29.86 -2.90 -19.10
N VAL B 56 30.08 -3.31 -20.35
CA VAL B 56 31.19 -4.19 -20.69
C VAL B 56 31.90 -3.71 -21.95
N ASP B 57 33.20 -3.96 -22.03
CA ASP B 57 33.96 -3.61 -23.22
C ASP B 57 33.67 -4.59 -24.35
N SER B 58 33.48 -5.86 -24.00
CA SER B 58 33.07 -6.86 -24.97
C SER B 58 32.05 -7.82 -24.38
N THR B 59 31.25 -8.43 -25.26
CA THR B 59 30.11 -9.24 -24.84
C THR B 59 30.51 -10.61 -24.30
N PRO B 60 30.10 -10.91 -23.06
CA PRO B 60 30.33 -12.21 -22.44
C PRO B 60 29.50 -13.28 -23.14
N PRO B 61 29.90 -14.54 -23.03
CA PRO B 61 29.21 -15.64 -23.72
C PRO B 61 27.76 -15.81 -23.25
N PRO B 62 26.90 -16.35 -24.12
CA PRO B 62 25.55 -16.77 -23.72
C PRO B 62 25.62 -17.72 -22.54
N GLY B 63 24.73 -17.55 -21.56
CA GLY B 63 24.75 -18.35 -20.37
C GLY B 63 25.38 -17.59 -19.22
N THR B 64 26.02 -16.46 -19.54
CA THR B 64 26.55 -15.57 -18.51
C THR B 64 25.42 -15.03 -17.64
N ARG B 65 25.63 -15.01 -16.32
CA ARG B 65 24.61 -14.53 -15.40
C ARG B 65 25.10 -13.35 -14.57
N VAL B 66 24.15 -12.59 -14.03
CA VAL B 66 24.45 -11.44 -13.18
C VAL B 66 23.84 -11.67 -11.80
N ARG B 67 24.69 -11.67 -10.78
CA ARG B 67 24.23 -11.92 -9.41
C ARG B 67 24.40 -10.68 -8.53
N ALA B 68 23.44 -10.48 -7.62
CA ALA B 68 23.52 -9.43 -6.62
C ALA B 68 23.40 -10.01 -5.22
N MET B 69 24.25 -9.53 -4.32
CA MET B 69 24.29 -9.99 -2.94
C MET B 69 24.62 -8.80 -2.05
N ALA B 70 23.96 -8.71 -0.90
CA ALA B 70 24.30 -7.70 0.09
C ALA B 70 25.19 -8.29 1.18
N ILE B 71 26.14 -7.49 1.67
CA ILE B 71 26.85 -7.80 2.90
C ILE B 71 26.93 -6.53 3.75
N TYR B 72 27.04 -6.69 5.07
CA TYR B 72 27.32 -5.54 5.93
C TYR B 72 28.71 -4.98 5.62
N LYS B 73 28.81 -3.66 5.58
CA LYS B 73 30.05 -2.97 5.25
C LYS B 73 31.06 -2.99 6.41
N GLN B 74 30.60 -2.78 7.63
CA GLN B 74 31.46 -2.79 8.81
C GLN B 74 32.03 -4.18 9.06
N SER B 75 33.34 -4.27 9.24
CA SER B 75 34.02 -5.57 9.36
C SER B 75 33.46 -6.49 10.45
N GLN B 76 33.03 -5.93 11.58
CA GLN B 76 32.53 -6.79 12.65
C GLN B 76 31.16 -7.41 12.33
N HIS B 77 30.46 -6.86 11.35
CA HIS B 77 29.15 -7.38 10.97
C HIS B 77 29.21 -8.23 9.71
N MET B 78 30.39 -8.29 9.09
CA MET B 78 30.52 -8.89 7.77
C MET B 78 30.05 -10.34 7.68
N THR B 79 30.21 -11.11 8.75
CA THR B 79 29.81 -12.50 8.75
C THR B 79 28.31 -12.70 8.97
N GLU B 80 27.60 -11.64 9.34
CA GLU B 80 26.15 -11.74 9.56
C GLU B 80 25.42 -11.66 8.22
N VAL B 81 24.61 -12.67 7.94
CA VAL B 81 23.81 -12.65 6.71
C VAL B 81 22.84 -11.46 6.69
N VAL B 82 22.87 -10.70 5.60
CA VAL B 82 21.91 -9.60 5.43
C VAL B 82 20.56 -10.20 5.03
N ARG B 83 19.53 -9.91 5.82
CA ARG B 83 18.20 -10.42 5.52
C ARG B 83 17.13 -9.41 5.91
N ARG B 84 15.90 -9.66 5.50
CA ARG B 84 14.81 -8.75 5.88
C ARG B 84 14.48 -8.86 7.34
N CYS B 85 13.91 -7.80 7.91
CA CYS B 85 13.54 -7.83 9.32
C CYS B 85 12.30 -8.69 9.53
N PRO B 86 11.98 -9.01 10.80
CA PRO B 86 10.86 -9.90 11.10
C PRO B 86 9.53 -9.33 10.62
N HIS B 87 9.35 -8.02 10.73
CA HIS B 87 8.11 -7.42 10.28
C HIS B 87 7.92 -7.49 8.77
N HIS B 88 8.88 -6.98 8.00
CA HIS B 88 8.75 -7.03 6.55
C HIS B 88 8.74 -8.47 5.99
N GLU B 89 9.49 -9.37 6.63
CA GLU B 89 9.49 -10.79 6.30
C GLU B 89 8.08 -11.37 6.36
N ARG B 90 7.28 -10.88 7.31
CA ARG B 90 5.96 -11.44 7.57
C ARG B 90 4.87 -10.75 6.77
N CYS B 91 5.09 -9.49 6.41
CA CYS B 91 4.07 -8.74 5.69
C CYS B 91 3.86 -9.37 4.31
N SER B 92 2.73 -9.06 3.70
CA SER B 92 2.30 -9.79 2.50
C SER B 92 2.67 -9.05 1.23
N ASP B 93 3.97 -8.93 0.95
CA ASP B 93 4.41 -8.11 -0.17
C ASP B 93 5.19 -8.88 -1.24
N SER B 94 5.26 -10.19 -1.11
CA SER B 94 5.97 -11.01 -2.10
C SER B 94 5.35 -10.82 -3.47
N ASP B 95 6.21 -10.77 -4.49
CA ASP B 95 5.76 -10.56 -5.86
C ASP B 95 5.45 -11.88 -6.57
N GLY B 96 5.41 -12.96 -5.81
CA GLY B 96 5.12 -14.27 -6.36
C GLY B 96 6.38 -14.99 -6.79
N LEU B 97 7.49 -14.24 -6.88
CA LEU B 97 8.75 -14.82 -7.32
C LEU B 97 9.79 -14.85 -6.21
N ALA B 98 9.89 -13.76 -5.44
CA ALA B 98 10.92 -13.63 -4.41
C ALA B 98 10.51 -14.21 -3.07
N PRO B 99 11.40 -14.99 -2.45
CA PRO B 99 11.14 -15.46 -1.08
C PRO B 99 11.02 -14.25 -0.15
N PRO B 100 10.22 -14.38 0.92
CA PRO B 100 9.85 -13.24 1.78
C PRO B 100 11.04 -12.66 2.53
N GLN B 101 12.08 -13.46 2.77
CA GLN B 101 13.20 -13.00 3.58
C GLN B 101 14.36 -12.38 2.80
N HIS B 102 14.26 -12.40 1.48
CA HIS B 102 15.30 -11.80 0.65
C HIS B 102 15.20 -10.28 0.64
N LEU B 103 16.30 -9.61 0.99
CA LEU B 103 16.38 -8.15 0.91
C LEU B 103 16.27 -7.65 -0.51
N ILE B 104 17.05 -8.25 -1.40
CA ILE B 104 17.20 -7.74 -2.75
C ILE B 104 16.38 -8.53 -3.76
N ARG B 105 15.55 -7.82 -4.50
CA ARG B 105 14.75 -8.41 -5.56
C ARG B 105 15.11 -7.79 -6.90
N VAL B 106 14.91 -8.54 -7.98
CA VAL B 106 14.95 -7.94 -9.30
C VAL B 106 13.51 -7.78 -9.77
N GLU B 107 13.16 -6.61 -10.29
CA GLU B 107 11.81 -6.43 -10.81
C GLU B 107 11.77 -6.56 -12.34
N GLY B 108 10.68 -7.11 -12.85
CA GLY B 108 10.45 -7.18 -14.28
C GLY B 108 11.34 -8.18 -15.01
N ASN B 109 11.59 -9.33 -14.38
CA ASN B 109 12.34 -10.38 -15.04
C ASN B 109 11.86 -11.77 -14.66
N LEU B 110 11.18 -12.44 -15.60
CA LEU B 110 10.61 -13.75 -15.36
C LEU B 110 11.66 -14.82 -15.12
N ARG B 111 12.88 -14.58 -15.57
CA ARG B 111 13.95 -15.58 -15.45
C ARG B 111 14.80 -15.38 -14.20
N VAL B 112 14.30 -14.59 -13.26
CA VAL B 112 15.03 -14.34 -12.03
C VAL B 112 15.09 -15.59 -11.20
N GLU B 113 16.24 -15.84 -10.58
CA GLU B 113 16.36 -16.92 -9.59
C GLU B 113 16.83 -16.39 -8.24
N TYR B 114 16.25 -16.91 -7.17
CA TYR B 114 16.67 -16.54 -5.83
C TYR B 114 17.38 -17.71 -5.17
N LEU B 115 18.59 -17.47 -4.68
CA LEU B 115 19.37 -18.53 -4.07
C LEU B 115 19.56 -18.33 -2.58
N ASP B 116 19.40 -19.42 -1.85
CA ASP B 116 19.77 -19.45 -0.44
C ASP B 116 20.89 -20.47 -0.30
N ASP B 117 22.12 -19.97 -0.30
CA ASP B 117 23.30 -20.82 -0.39
C ASP B 117 23.38 -21.80 0.78
N ARG B 118 23.46 -23.08 0.47
CA ARG B 118 23.45 -24.13 1.50
C ARG B 118 24.69 -24.12 2.37
N ASN B 119 25.79 -23.62 1.84
CA ASN B 119 27.06 -23.64 2.54
C ASN B 119 27.37 -22.33 3.28
N THR B 120 27.08 -21.21 2.63
CA THR B 120 27.38 -19.90 3.18
C THR B 120 26.18 -19.25 3.87
N PHE B 121 24.99 -19.73 3.53
CA PHE B 121 23.74 -19.20 4.07
C PHE B 121 23.39 -17.82 3.51
N ARG B 122 24.12 -17.37 2.50
CA ARG B 122 23.91 -16.06 1.90
C ARG B 122 22.71 -16.10 0.96
N HIS B 123 21.95 -15.00 0.92
CA HIS B 123 20.91 -14.85 -0.09
C HIS B 123 21.49 -14.15 -1.29
N SER B 124 21.03 -14.50 -2.49
CA SER B 124 21.38 -13.72 -3.68
C SER B 124 20.32 -13.86 -4.75
N VAL B 125 20.31 -12.90 -5.66
CA VAL B 125 19.37 -12.90 -6.75
C VAL B 125 20.14 -12.80 -8.06
N VAL B 126 19.81 -13.70 -8.99
CA VAL B 126 20.55 -13.85 -10.24
C VAL B 126 19.62 -13.82 -11.45
N VAL B 127 20.06 -13.12 -12.50
CA VAL B 127 19.34 -13.13 -13.77
C VAL B 127 20.33 -13.40 -14.90
N PRO B 128 19.83 -13.88 -16.05
CA PRO B 128 20.72 -14.06 -17.21
C PRO B 128 21.21 -12.70 -17.71
N TYR B 129 22.48 -12.62 -18.05
CA TYR B 129 22.99 -11.41 -18.69
C TYR B 129 22.46 -11.31 -20.12
N GLU B 130 21.97 -10.13 -20.49
CA GLU B 130 21.52 -9.88 -21.85
C GLU B 130 22.30 -8.70 -22.42
N PRO B 131 22.95 -8.89 -23.58
CA PRO B 131 23.69 -7.77 -24.15
C PRO B 131 22.75 -6.62 -24.49
N PRO B 132 23.31 -5.44 -24.69
CA PRO B 132 22.54 -4.27 -25.12
C PRO B 132 21.98 -4.50 -26.51
N GLU B 133 20.88 -3.82 -26.84
CA GLU B 133 20.34 -3.85 -28.18
C GLU B 133 21.42 -3.38 -29.15
N VAL B 134 21.43 -3.95 -30.35
CA VAL B 134 22.45 -3.64 -31.35
C VAL B 134 22.99 -2.22 -31.24
N GLY B 135 22.08 -1.26 -31.08
CA GLY B 135 22.46 0.13 -30.92
C GLY B 135 22.96 0.48 -29.53
N SER B 136 22.14 0.18 -28.53
CA SER B 136 22.43 0.55 -27.13
C SER B 136 23.81 0.13 -26.62
N ASP B 137 24.23 0.75 -25.52
CA ASP B 137 25.60 0.64 -25.02
C ASP B 137 25.74 -0.08 -23.68
N CYS B 138 24.62 -0.28 -22.98
CA CYS B 138 24.65 -0.96 -21.69
C CYS B 138 23.34 -1.66 -21.36
N THR B 139 23.40 -2.56 -20.38
CA THR B 139 22.24 -3.31 -19.94
C THR B 139 21.84 -2.83 -18.55
N THR B 140 20.56 -2.52 -18.37
CA THR B 140 20.07 -2.04 -17.09
C THR B 140 19.31 -3.13 -16.35
N ILE B 141 19.67 -3.33 -15.08
CA ILE B 141 18.91 -4.22 -14.21
C ILE B 141 18.23 -3.39 -13.13
N HIS B 142 17.01 -3.77 -12.78
CA HIS B 142 16.22 -3.00 -11.83
C HIS B 142 16.05 -3.75 -10.54
N TYR B 143 16.72 -3.27 -9.49
CA TYR B 143 16.63 -3.91 -8.19
C TYR B 143 15.62 -3.21 -7.29
N ASN B 144 15.07 -3.96 -6.34
CA ASN B 144 14.25 -3.41 -5.28
C ASN B 144 14.86 -3.82 -3.94
N TYR B 145 14.96 -2.89 -3.00
CA TYR B 145 15.45 -3.22 -1.66
C TYR B 145 14.26 -3.20 -0.71
N MET B 146 14.04 -4.31 -0.01
CA MET B 146 12.76 -4.54 0.66
C MET B 146 12.75 -4.28 2.17
N CYS B 147 13.81 -3.68 2.71
CA CYS B 147 13.81 -3.13 4.07
C CYS B 147 14.57 -1.83 4.04
N ASN B 148 14.24 -0.93 4.96
CA ASN B 148 15.06 0.25 5.21
C ASN B 148 16.32 -0.15 5.94
N SER B 149 17.40 0.61 5.74
CA SER B 149 18.64 0.35 6.47
C SER B 149 18.39 0.37 7.98
N SER B 150 17.38 1.12 8.40
CA SER B 150 17.07 1.30 9.82
C SER B 150 16.18 0.22 10.44
N CYS B 151 15.70 -0.74 9.65
CA CYS B 151 14.72 -1.71 10.15
C CYS B 151 15.28 -2.45 11.37
N MET B 152 14.58 -2.35 12.50
CA MET B 152 15.03 -2.99 13.72
C MET B 152 14.82 -4.50 13.55
N GLY B 153 15.78 -5.29 14.03
CA GLY B 153 15.75 -6.73 13.85
C GLY B 153 16.26 -7.14 12.48
N GLY B 154 16.57 -6.15 11.64
CA GLY B 154 17.10 -6.41 10.32
C GLY B 154 18.45 -5.73 10.17
N MET B 155 18.58 -4.87 9.17
CA MET B 155 19.84 -4.14 9.00
C MET B 155 20.14 -3.21 10.20
N ASN B 156 19.09 -2.83 10.94
CA ASN B 156 19.27 -2.12 12.21
C ASN B 156 20.28 -0.98 12.13
N ARG B 157 20.15 -0.17 11.07
CA ARG B 157 20.96 1.01 10.86
C ARG B 157 22.42 0.75 10.49
N ARG B 158 22.75 -0.49 10.15
CA ARG B 158 24.07 -0.81 9.65
C ARG B 158 24.13 -0.66 8.13
N PRO B 159 25.16 0.05 7.63
CA PRO B 159 25.34 0.20 6.17
C PRO B 159 25.64 -1.15 5.51
N ILE B 160 25.19 -1.33 4.27
CA ILE B 160 25.49 -2.52 3.52
C ILE B 160 26.19 -2.17 2.19
N LEU B 161 26.84 -3.17 1.61
CA LEU B 161 27.31 -3.09 0.25
C LEU B 161 26.46 -4.01 -0.58
N THR B 162 26.20 -3.61 -1.82
CA THR B 162 25.67 -4.55 -2.78
C THR B 162 26.83 -4.99 -3.68
N ILE B 163 27.03 -6.29 -3.79
CA ILE B 163 28.08 -6.84 -4.66
C ILE B 163 27.46 -7.41 -5.92
N ILE B 164 27.83 -6.86 -7.07
CA ILE B 164 27.32 -7.35 -8.35
C ILE B 164 28.39 -8.19 -9.04
N THR B 165 28.11 -9.47 -9.27
CA THR B 165 29.07 -10.32 -9.95
C THR B 165 28.62 -10.81 -11.33
N LEU B 166 29.53 -10.74 -12.29
CA LEU B 166 29.31 -11.32 -13.61
C LEU B 166 29.83 -12.73 -13.52
N GLU B 167 28.97 -13.70 -13.81
CA GLU B 167 29.37 -15.10 -13.70
C GLU B 167 29.06 -15.89 -14.98
N ASP B 168 29.80 -16.96 -15.21
CA ASP B 168 29.44 -17.87 -16.29
C ASP B 168 28.30 -18.76 -15.81
N SER B 169 27.84 -19.63 -16.70
CA SER B 169 26.73 -20.54 -16.43
C SER B 169 26.88 -21.30 -15.12
N SER B 170 28.12 -21.50 -14.68
CA SER B 170 28.43 -22.43 -13.59
C SER B 170 28.62 -21.72 -12.27
N GLY B 171 28.77 -20.41 -12.31
CA GLY B 171 29.03 -19.61 -11.13
C GLY B 171 30.47 -19.13 -11.06
N ASN B 172 31.19 -19.25 -12.17
CA ASN B 172 32.58 -18.83 -12.21
C ASN B 172 32.74 -17.33 -12.40
N LEU B 173 33.63 -16.76 -11.59
CA LEU B 173 33.80 -15.32 -11.51
C LEU B 173 34.34 -14.72 -12.81
N LEU B 174 33.52 -13.91 -13.46
CA LEU B 174 33.94 -13.22 -14.67
C LEU B 174 34.29 -11.76 -14.38
N GLY B 175 33.60 -11.19 -13.38
CA GLY B 175 33.83 -9.81 -13.03
C GLY B 175 33.07 -9.47 -11.76
N ARG B 176 33.46 -8.39 -11.09
CA ARG B 176 32.84 -7.98 -9.84
C ARG B 176 32.93 -6.48 -9.64
N ASN B 177 31.84 -5.90 -9.16
CA ASN B 177 31.80 -4.49 -8.77
C ASN B 177 30.88 -4.37 -7.55
N SER B 178 30.90 -3.23 -6.89
CA SER B 178 30.10 -3.07 -5.69
C SER B 178 29.79 -1.61 -5.43
N PHE B 179 28.76 -1.36 -4.63
CA PHE B 179 28.46 -0.03 -4.18
C PHE B 179 27.78 -0.11 -2.83
N GLU B 180 27.91 0.97 -2.05
CA GLU B 180 27.23 1.04 -0.77
C GLU B 180 25.76 1.39 -1.01
N VAL B 181 24.89 0.94 -0.12
CA VAL B 181 23.47 1.25 -0.21
C VAL B 181 22.90 1.72 1.13
N ARG B 182 22.13 2.80 1.07
CA ARG B 182 21.29 3.22 2.16
C ARG B 182 19.83 3.19 1.69
N VAL B 183 19.01 2.36 2.33
CA VAL B 183 17.59 2.35 2.00
C VAL B 183 16.93 3.20 3.07
N CYS B 184 16.23 4.23 2.64
CA CYS B 184 15.73 5.24 3.58
C CYS B 184 14.51 5.97 3.03
N ALA B 185 13.83 6.72 3.89
CA ALA B 185 12.61 7.43 3.48
C ALA B 185 12.92 8.65 2.62
N CYS B 186 14.03 9.33 2.88
CA CYS B 186 14.35 10.56 2.16
C CYS B 186 15.76 10.52 1.52
N PRO B 187 15.90 9.82 0.39
CA PRO B 187 17.21 9.62 -0.23
C PRO B 187 17.96 10.93 -0.53
N GLY B 188 17.28 11.94 -1.07
CA GLY B 188 17.90 13.21 -1.38
C GLY B 188 18.42 13.93 -0.14
N ARG B 189 17.59 14.02 0.89
CA ARG B 189 18.02 14.60 2.16
C ARG B 189 19.25 13.88 2.68
N ASP B 190 19.19 12.55 2.74
CA ASP B 190 20.25 11.78 3.36
C ASP B 190 21.53 11.79 2.54
N ARG B 191 21.39 11.79 1.22
CA ARG B 191 22.58 11.90 0.36
C ARG B 191 23.30 13.22 0.58
N ARG B 192 22.55 14.31 0.61
CA ARG B 192 23.19 15.61 0.81
C ARG B 192 23.85 15.71 2.18
N THR B 193 23.21 15.15 3.21
CA THR B 193 23.79 15.15 4.55
C THR B 193 25.13 14.41 4.58
N GLU B 194 25.18 13.20 4.02
CA GLU B 194 26.43 12.44 4.04
C GLU B 194 27.52 13.10 3.20
N GLU B 195 27.13 13.72 2.08
CA GLU B 195 28.10 14.42 1.24
C GLU B 195 28.68 15.67 1.95
N GLU B 196 27.80 16.42 2.61
CA GLU B 196 28.25 17.53 3.46
C GLU B 196 29.22 17.07 4.54
N ASN B 197 28.90 15.95 5.19
CA ASN B 197 29.75 15.44 6.29
C ASN B 197 31.13 15.00 5.85
N LEU B 198 31.31 14.87 4.54
CA LEU B 198 32.59 14.50 3.98
C LEU B 198 33.58 15.63 4.24
N ARG B 199 33.04 16.84 4.28
CA ARG B 199 33.84 18.04 4.54
C ARG B 199 34.08 18.24 6.04
N LYS B 200 33.51 17.37 6.85
CA LYS B 200 33.64 17.47 8.31
C LYS B 200 34.49 16.35 8.88
N PRO C 1 -25.81 -4.77 -12.19
CA PRO C 1 -27.17 -4.94 -12.71
C PRO C 1 -28.17 -4.09 -11.92
N LEU C 2 -29.46 -4.32 -12.16
CA LEU C 2 -30.51 -3.54 -11.53
C LEU C 2 -31.23 -4.33 -10.44
N SER C 3 -31.72 -3.60 -9.43
CA SER C 3 -32.50 -4.21 -8.37
C SER C 3 -33.99 -4.10 -8.68
N SER C 4 -34.78 -5.03 -8.17
CA SER C 4 -36.21 -5.02 -8.38
C SER C 4 -36.87 -3.93 -7.55
N SER C 5 -36.14 -3.46 -6.53
CA SER C 5 -36.71 -2.49 -5.60
C SER C 5 -35.73 -1.39 -5.21
N VAL C 6 -36.23 -0.42 -4.45
CA VAL C 6 -35.39 0.61 -3.88
C VAL C 6 -35.59 0.68 -2.38
N PRO C 7 -34.50 0.59 -1.61
CA PRO C 7 -34.65 0.67 -0.15
C PRO C 7 -35.19 2.04 0.26
N SER C 8 -36.12 2.05 1.22
CA SER C 8 -36.58 3.32 1.77
C SER C 8 -35.42 4.08 2.40
N GLN C 9 -35.46 5.41 2.31
CA GLN C 9 -34.43 6.24 2.92
C GLN C 9 -35.01 7.16 3.99
N LYS C 10 -36.31 7.06 4.21
CA LYS C 10 -36.98 7.85 5.24
C LYS C 10 -36.37 7.73 6.64
N THR C 11 -36.01 8.87 7.21
CA THR C 11 -35.55 8.91 8.59
C THR C 11 -36.65 8.40 9.51
N TYR C 12 -36.27 7.51 10.43
CA TYR C 12 -37.21 6.88 11.35
C TYR C 12 -36.46 6.60 12.64
N GLN C 13 -36.63 7.47 13.62
CA GLN C 13 -35.93 7.29 14.89
C GLN C 13 -36.47 6.10 15.67
N GLY C 14 -37.74 5.78 15.43
CA GLY C 14 -38.37 4.62 16.05
C GLY C 14 -38.46 4.66 17.57
N SER C 15 -38.79 3.51 18.17
CA SER C 15 -39.02 3.43 19.61
C SER C 15 -37.81 3.77 20.45
N TYR C 16 -36.62 3.49 19.92
CA TYR C 16 -35.39 3.67 20.68
C TYR C 16 -34.71 5.01 20.47
N GLY C 17 -35.35 5.89 19.71
CA GLY C 17 -34.81 7.23 19.48
C GLY C 17 -33.46 7.18 18.79
N PHE C 18 -33.40 6.42 17.71
CA PHE C 18 -32.14 6.15 17.00
C PHE C 18 -31.73 7.35 16.17
N ARG C 19 -30.53 7.88 16.44
CA ARG C 19 -29.96 9.02 15.69
C ARG C 19 -28.50 8.72 15.33
N LEU C 20 -27.99 9.38 14.30
CA LEU C 20 -26.56 9.29 13.99
C LEU C 20 -25.83 10.53 14.51
N GLY C 21 -24.54 10.37 14.81
CA GLY C 21 -23.67 11.49 15.12
C GLY C 21 -22.37 11.35 14.38
N PHE C 22 -21.63 12.44 14.20
CA PHE C 22 -20.37 12.43 13.47
C PHE C 22 -19.33 13.31 14.17
N LEU C 23 -18.06 13.01 13.98
CA LEU C 23 -16.97 13.81 14.58
C LEU C 23 -16.89 15.23 13.97
N HIS C 24 -16.18 16.12 14.65
CA HIS C 24 -16.13 17.52 14.24
C HIS C 24 -14.95 17.88 13.32
N SER C 25 -14.36 16.88 12.68
CA SER C 25 -13.21 17.11 11.82
C SER C 25 -13.42 18.37 10.97
N GLY C 26 -12.37 19.17 10.84
CA GLY C 26 -12.44 20.36 10.01
C GLY C 26 -12.28 20.04 8.53
N THR C 27 -11.91 21.03 7.74
CA THR C 27 -11.82 20.84 6.30
C THR C 27 -10.40 21.10 5.77
N ALA C 28 -9.39 20.65 6.51
CA ALA C 28 -8.04 20.65 5.94
C ALA C 28 -8.12 19.86 4.66
N LYS C 29 -7.36 20.30 3.65
CA LYS C 29 -7.41 19.77 2.30
C LYS C 29 -7.63 18.27 2.21
N SER C 30 -6.82 17.50 2.95
CA SER C 30 -6.83 16.04 2.85
C SER C 30 -7.21 15.36 4.17
N VAL C 31 -8.04 16.01 5.00
CA VAL C 31 -8.55 15.34 6.19
C VAL C 31 -9.14 14.01 5.71
N THR C 32 -8.91 12.95 6.46
CA THR C 32 -9.29 11.59 6.03
C THR C 32 -10.81 11.39 5.95
N CYS C 33 -11.53 12.02 6.86
CA CYS C 33 -12.98 11.88 6.92
C CYS C 33 -13.56 13.11 7.60
N THR C 34 -14.47 13.80 6.92
CA THR C 34 -15.06 15.00 7.48
C THR C 34 -16.52 15.08 7.09
N TYR C 35 -17.33 15.47 8.06
CA TYR C 35 -18.76 15.49 7.88
C TYR C 35 -19.29 16.92 7.78
N SER C 36 -20.23 17.14 6.88
CA SER C 36 -20.84 18.44 6.68
C SER C 36 -22.29 18.46 7.20
N PRO C 37 -22.53 19.15 8.33
CA PRO C 37 -23.89 19.29 8.86
C PRO C 37 -24.78 20.02 7.86
N ALA C 38 -24.22 20.97 7.12
CA ALA C 38 -25.02 21.78 6.20
C ALA C 38 -25.61 20.89 5.11
N LEU C 39 -24.79 19.94 4.63
CA LEU C 39 -25.17 19.07 3.53
C LEU C 39 -25.66 17.69 3.98
N ASN C 40 -25.56 17.39 5.27
CA ASN C 40 -25.69 16.01 5.78
C ASN C 40 -24.91 15.04 4.89
N LYS C 41 -23.63 15.34 4.71
CA LYS C 41 -22.79 14.61 3.77
C LYS C 41 -21.43 14.33 4.35
N MET C 42 -20.99 13.08 4.29
CA MET C 42 -19.67 12.70 4.69
C MET C 42 -18.73 12.77 3.48
N PHE C 43 -17.54 13.32 3.70
CA PHE C 43 -16.50 13.38 2.69
C PHE C 43 -15.34 12.57 3.23
N CYS C 44 -14.90 11.55 2.52
CA CYS C 44 -13.87 10.65 3.06
C CYS C 44 -12.96 10.07 1.99
N GLN C 45 -11.77 9.64 2.38
CA GLN C 45 -10.86 9.01 1.44
C GLN C 45 -11.09 7.51 1.34
N LEU C 46 -10.71 6.94 0.20
CA LEU C 46 -10.89 5.51 -0.07
C LEU C 46 -10.15 4.67 0.98
N ALA C 47 -10.86 3.70 1.54
CA ALA C 47 -10.29 2.75 2.48
C ALA C 47 -9.93 3.33 3.85
N LYS C 48 -10.19 4.62 4.07
CA LYS C 48 -9.87 5.24 5.35
C LYS C 48 -11.03 5.07 6.34
N THR C 49 -10.72 5.19 7.63
CA THR C 49 -11.70 5.02 8.68
C THR C 49 -12.74 6.12 8.66
N CYS C 50 -14.01 5.74 8.65
CA CYS C 50 -15.10 6.70 8.73
C CYS C 50 -15.97 6.40 9.92
N PRO C 51 -15.77 7.12 11.04
CA PRO C 51 -16.53 6.85 12.26
C PRO C 51 -17.95 7.36 12.12
N VAL C 52 -18.91 6.53 12.48
CA VAL C 52 -20.30 6.94 12.55
C VAL C 52 -20.82 6.55 13.93
N GLN C 53 -21.39 7.53 14.63
CA GLN C 53 -21.88 7.30 15.98
C GLN C 53 -23.34 6.90 15.96
N LEU C 54 -23.68 5.88 16.72
CA LEU C 54 -25.08 5.50 16.88
C LEU C 54 -25.56 6.01 18.23
N TRP C 55 -26.59 6.84 18.22
CA TRP C 55 -27.18 7.36 19.45
C TRP C 55 -28.57 6.80 19.60
N VAL C 56 -28.92 6.36 20.82
CA VAL C 56 -30.28 5.94 21.11
C VAL C 56 -30.75 6.50 22.45
N ASP C 57 -32.04 6.80 22.56
CA ASP C 57 -32.61 7.27 23.82
C ASP C 57 -32.72 6.13 24.82
N SER C 58 -33.02 4.93 24.34
CA SER C 58 -32.99 3.75 25.19
C SER C 58 -32.40 2.54 24.47
N THR C 59 -31.89 1.60 25.24
CA THR C 59 -31.14 0.47 24.70
C THR C 59 -32.02 -0.60 24.07
N PRO C 60 -31.78 -0.89 22.78
CA PRO C 60 -32.50 -1.95 22.04
C PRO C 60 -32.11 -3.31 22.59
N PRO C 61 -32.98 -4.32 22.38
CA PRO C 61 -32.73 -5.65 22.93
C PRO C 61 -31.44 -6.29 22.38
N PRO C 62 -30.84 -7.19 23.15
CA PRO C 62 -29.75 -8.06 22.66
C PRO C 62 -30.18 -8.81 21.40
N GLY C 63 -29.28 -8.90 20.41
CA GLY C 63 -29.64 -9.49 19.13
C GLY C 63 -29.93 -8.42 18.09
N THR C 64 -30.08 -7.17 18.55
CA THR C 64 -30.29 -6.05 17.63
C THR C 64 -29.06 -5.89 16.72
N ARG C 65 -29.27 -5.60 15.45
CA ARG C 65 -28.15 -5.45 14.53
C ARG C 65 -28.13 -4.08 13.85
N VAL C 66 -26.96 -3.70 13.35
CA VAL C 66 -26.83 -2.46 12.61
C VAL C 66 -26.37 -2.73 11.20
N ARG C 67 -27.16 -2.30 10.22
CA ARG C 67 -26.86 -2.57 8.82
C ARG C 67 -26.57 -1.28 8.06
N ALA C 68 -25.59 -1.36 7.14
CA ALA C 68 -25.30 -0.25 6.24
C ALA C 68 -25.45 -0.68 4.78
N MET C 69 -26.07 0.18 3.99
CA MET C 69 -26.27 -0.07 2.56
C MET C 69 -26.13 1.26 1.82
N ALA C 70 -25.48 1.23 0.66
CA ALA C 70 -25.43 2.39 -0.22
C ALA C 70 -26.46 2.28 -1.34
N ILE C 71 -27.03 3.42 -1.72
CA ILE C 71 -27.82 3.52 -2.93
C ILE C 71 -27.45 4.80 -3.65
N TYR C 72 -27.67 4.85 -4.96
CA TYR C 72 -27.50 6.11 -5.69
C TYR C 72 -28.55 7.13 -5.29
N LYS C 73 -28.13 8.37 -5.13
CA LYS C 73 -29.01 9.44 -4.65
C LYS C 73 -29.97 9.92 -5.75
N GLN C 74 -29.45 10.04 -6.98
CA GLN C 74 -30.28 10.49 -8.11
C GLN C 74 -31.33 9.45 -8.47
N SER C 75 -32.57 9.90 -8.59
CA SER C 75 -33.69 8.97 -8.78
C SER C 75 -33.53 8.03 -9.98
N GLN C 76 -32.94 8.49 -11.06
CA GLN C 76 -32.82 7.63 -12.23
C GLN C 76 -31.79 6.51 -12.06
N HIS C 77 -30.92 6.64 -11.06
CA HIS C 77 -29.91 5.63 -10.80
C HIS C 77 -30.28 4.73 -9.62
N MET C 78 -31.37 5.07 -8.94
CA MET C 78 -31.72 4.41 -7.68
C MET C 78 -31.83 2.89 -7.76
N THR C 79 -32.27 2.36 -8.89
CA THR C 79 -32.42 0.93 -9.04
C THR C 79 -31.11 0.20 -9.35
N GLU C 80 -30.07 0.95 -9.66
CA GLU C 80 -28.78 0.34 -9.94
C GLU C 80 -28.02 0.02 -8.65
N VAL C 81 -27.65 -1.24 -8.49
CA VAL C 81 -26.92 -1.66 -7.31
C VAL C 81 -25.57 -0.95 -7.21
N VAL C 82 -25.29 -0.38 -6.06
CA VAL C 82 -23.99 0.27 -5.84
C VAL C 82 -22.97 -0.82 -5.56
N ARG C 83 -21.90 -0.85 -6.35
CA ARG C 83 -20.86 -1.86 -6.17
C ARG C 83 -19.48 -1.28 -6.53
N ARG C 84 -18.42 -2.03 -6.22
CA ARG C 84 -17.08 -1.57 -6.56
C ARG C 84 -16.85 -1.62 -8.05
N CYS C 85 -15.95 -0.78 -8.53
CA CYS C 85 -15.55 -0.76 -9.94
C CYS C 85 -14.74 -2.01 -10.30
N PRO C 86 -14.65 -2.32 -11.60
CA PRO C 86 -13.96 -3.55 -12.03
C PRO C 86 -12.50 -3.57 -11.59
N HIS C 87 -11.85 -2.42 -11.56
CA HIS C 87 -10.46 -2.38 -11.13
C HIS C 87 -10.29 -2.72 -9.65
N HIS C 88 -11.04 -2.04 -8.78
CA HIS C 88 -10.86 -2.28 -7.35
C HIS C 88 -11.42 -3.64 -6.93
N GLU C 89 -12.45 -4.09 -7.63
CA GLU C 89 -12.99 -5.43 -7.44
C GLU C 89 -11.90 -6.48 -7.62
N ARG C 90 -10.98 -6.22 -8.55
CA ARG C 90 -9.97 -7.19 -8.93
C ARG C 90 -8.68 -7.05 -8.14
N CYS C 91 -8.42 -5.86 -7.63
CA CYS C 91 -7.18 -5.62 -6.90
C CYS C 91 -7.20 -6.43 -5.60
N SER C 92 -6.03 -6.63 -5.02
CA SER C 92 -5.90 -7.58 -3.92
C SER C 92 -5.94 -6.91 -2.56
N ASP C 93 -7.10 -6.34 -2.20
CA ASP C 93 -7.18 -5.55 -0.99
C ASP C 93 -8.20 -6.06 0.03
N SER C 94 -8.75 -7.24 -0.21
CA SER C 94 -9.71 -7.82 0.72
C SER C 94 -9.06 -8.04 2.08
N ASP C 95 -9.82 -7.79 3.14
CA ASP C 95 -9.31 -7.89 4.50
C ASP C 95 -9.51 -9.30 5.06
N GLY C 96 -9.89 -10.23 4.19
CA GLY C 96 -10.12 -11.60 4.59
C GLY C 96 -11.55 -11.83 5.02
N LEU C 97 -12.28 -10.74 5.25
CA LEU C 97 -13.66 -10.82 5.70
C LEU C 97 -14.64 -10.33 4.65
N ALA C 98 -14.29 -9.25 3.96
CA ALA C 98 -15.22 -8.63 3.01
C ALA C 98 -15.09 -9.19 1.61
N PRO C 99 -16.24 -9.43 0.95
CA PRO C 99 -16.19 -9.83 -0.46
C PRO C 99 -15.61 -8.68 -1.29
N PRO C 100 -14.92 -9.00 -2.39
CA PRO C 100 -14.18 -8.02 -3.17
C PRO C 100 -15.07 -6.97 -3.82
N GLN C 101 -16.33 -7.27 -4.04
CA GLN C 101 -17.21 -6.34 -4.76
C GLN C 101 -18.01 -5.40 -3.87
N HIS C 102 -17.92 -5.57 -2.56
CA HIS C 102 -18.68 -4.74 -1.63
C HIS C 102 -18.02 -3.38 -1.48
N LEU C 103 -18.79 -2.32 -1.69
CA LEU C 103 -18.29 -0.96 -1.49
C LEU C 103 -18.01 -0.68 -0.02
N ILE C 104 -18.96 -1.02 0.84
CA ILE C 104 -18.87 -0.65 2.25
C ILE C 104 -18.39 -1.79 3.13
N ARG C 105 -17.31 -1.55 3.86
CA ARG C 105 -16.82 -2.51 4.85
C ARG C 105 -16.94 -1.93 6.25
N VAL C 106 -16.99 -2.80 7.24
CA VAL C 106 -16.79 -2.39 8.62
C VAL C 106 -15.39 -2.82 9.01
N GLU C 107 -14.62 -1.93 9.62
CA GLU C 107 -13.29 -2.35 10.09
C GLU C 107 -13.30 -2.65 11.58
N GLY C 108 -12.49 -3.63 11.98
CA GLY C 108 -12.30 -3.94 13.38
C GLY C 108 -13.49 -4.61 14.06
N ASN C 109 -14.17 -5.49 13.34
CA ASN C 109 -15.27 -6.25 13.95
C ASN C 109 -15.34 -7.67 13.42
N LEU C 110 -14.95 -8.62 14.27
CA LEU C 110 -14.93 -10.02 13.88
C LEU C 110 -16.31 -10.58 13.58
N ARG C 111 -17.36 -9.93 14.09
CA ARG C 111 -18.70 -10.46 13.93
C ARG C 111 -19.44 -9.84 12.74
N VAL C 112 -18.68 -9.19 11.86
CA VAL C 112 -19.24 -8.55 10.69
C VAL C 112 -19.81 -9.60 9.75
N GLU C 113 -20.97 -9.31 9.16
CA GLU C 113 -21.50 -10.14 8.10
C GLU C 113 -21.74 -9.35 6.83
N TYR C 114 -21.43 -9.94 5.69
CA TYR C 114 -21.68 -9.30 4.42
C TYR C 114 -22.78 -10.01 3.67
N LEU C 115 -23.82 -9.27 3.29
CA LEU C 115 -24.95 -9.90 2.64
C LEU C 115 -25.08 -9.48 1.19
N ASP C 116 -25.35 -10.46 0.33
CA ASP C 116 -25.70 -10.21 -1.04
C ASP C 116 -27.13 -10.71 -1.23
N ASP C 117 -28.09 -9.79 -1.13
CA ASP C 117 -29.50 -10.14 -1.05
C ASP C 117 -29.97 -10.87 -2.28
N ARG C 118 -30.53 -12.07 -2.11
CA ARG C 118 -30.91 -12.93 -3.22
C ARG C 118 -32.07 -12.36 -4.02
N ASN C 119 -32.89 -11.54 -3.38
CA ASN C 119 -34.08 -11.00 -4.03
C ASN C 119 -33.89 -9.60 -4.60
N THR C 120 -33.19 -8.74 -3.85
CA THR C 120 -32.97 -7.36 -4.27
C THR C 120 -31.62 -7.15 -4.95
N PHE C 121 -30.69 -8.07 -4.73
CA PHE C 121 -29.34 -7.99 -5.30
C PHE C 121 -28.48 -6.92 -4.62
N ARG C 122 -29.00 -6.33 -3.54
CA ARG C 122 -28.30 -5.28 -2.82
C ARG C 122 -27.20 -5.84 -1.92
N HIS C 123 -26.08 -5.15 -1.83
CA HIS C 123 -25.03 -5.50 -0.88
C HIS C 123 -25.31 -4.78 0.42
N SER C 124 -24.98 -5.41 1.54
CA SER C 124 -24.98 -4.69 2.80
C SER C 124 -24.02 -5.33 3.78
N VAL C 125 -23.68 -4.56 4.81
CA VAL C 125 -22.76 -5.03 5.83
C VAL C 125 -23.44 -4.79 7.17
N VAL C 126 -23.46 -5.82 8.00
CA VAL C 126 -24.19 -5.82 9.26
C VAL C 126 -23.32 -6.28 10.41
N VAL C 127 -23.44 -5.63 11.54
CA VAL C 127 -22.77 -6.02 12.77
C VAL C 127 -23.78 -6.00 13.92
N PRO C 128 -23.49 -6.74 15.01
CA PRO C 128 -24.37 -6.70 16.18
C PRO C 128 -24.30 -5.32 16.81
N TYR C 129 -25.44 -4.81 17.27
CA TYR C 129 -25.43 -3.56 18.01
C TYR C 129 -24.86 -3.84 19.40
N GLU C 130 -23.98 -2.97 19.87
CA GLU C 130 -23.47 -3.03 21.24
C GLU C 130 -23.73 -1.71 21.96
N PRO C 131 -24.40 -1.77 23.13
CA PRO C 131 -24.66 -0.51 23.84
C PRO C 131 -23.33 0.11 24.26
N PRO C 132 -23.30 1.39 24.61
CA PRO C 132 -22.07 1.92 25.22
C PRO C 132 -22.00 1.50 26.70
N GLU C 133 -20.85 1.61 27.37
CA GLU C 133 -20.82 1.41 28.80
C GLU C 133 -21.62 2.53 29.48
N VAL C 134 -22.27 2.23 30.59
CA VAL C 134 -23.23 3.18 31.18
C VAL C 134 -22.70 4.61 31.35
N GLY C 135 -21.38 4.76 31.40
CA GLY C 135 -20.80 6.09 31.33
C GLY C 135 -21.08 6.69 29.95
N SER C 136 -20.37 6.19 28.95
CA SER C 136 -20.44 6.66 27.56
C SER C 136 -21.82 6.70 26.91
N ASP C 137 -21.98 7.59 25.94
CA ASP C 137 -23.28 8.05 25.48
C ASP C 137 -23.66 7.57 24.07
N CYS C 138 -22.71 6.95 23.37
CA CYS C 138 -22.97 6.49 22.01
C CYS C 138 -22.03 5.37 21.60
N THR C 139 -22.44 4.58 20.61
CA THR C 139 -21.64 3.51 20.04
C THR C 139 -21.10 3.96 18.67
N THR C 140 -19.82 3.75 18.45
CA THR C 140 -19.20 4.14 17.18
C THR C 140 -18.93 2.93 16.29
N ILE C 141 -19.37 3.01 15.03
CA ILE C 141 -19.01 2.00 14.05
C ILE C 141 -18.06 2.64 13.05
N HIS C 142 -17.09 1.87 12.57
CA HIS C 142 -16.09 2.37 11.66
C HIS C 142 -16.24 1.76 10.29
N TYR C 143 -16.66 2.58 9.33
CA TYR C 143 -16.84 2.09 7.97
C TYR C 143 -15.65 2.45 7.09
N ASN C 144 -15.43 1.65 6.05
CA ASN C 144 -14.44 1.95 5.03
C ASN C 144 -15.18 1.95 3.69
N TYR C 145 -14.96 2.97 2.88
CA TYR C 145 -15.54 2.96 1.53
C TYR C 145 -14.45 2.62 0.52
N MET C 146 -14.69 1.61 -0.31
CA MET C 146 -13.59 0.96 -1.06
C MET C 146 -13.46 1.34 -2.55
N CYS C 147 -14.19 2.38 -2.96
CA CYS C 147 -13.99 3.04 -4.27
C CYS C 147 -14.16 4.53 -4.03
N ASN C 148 -13.56 5.34 -4.91
CA ASN C 148 -13.89 6.74 -5.01
C ASN C 148 -15.22 6.92 -5.71
N SER C 149 -15.93 8.01 -5.38
CA SER C 149 -17.18 8.33 -6.09
C SER C 149 -16.94 8.38 -7.59
N SER C 150 -15.72 8.76 -7.98
CA SER C 150 -15.38 8.95 -9.39
C SER C 150 -14.97 7.70 -10.18
N CYS C 151 -14.80 6.55 -9.50
CA CYS C 151 -14.31 5.34 -10.18
C CYS C 151 -15.15 5.01 -11.43
N MET C 152 -14.48 4.94 -12.58
CA MET C 152 -15.18 4.65 -13.82
C MET C 152 -15.57 3.16 -13.83
N GLY C 153 -16.77 2.87 -14.30
CA GLY C 153 -17.30 1.51 -14.26
C GLY C 153 -17.89 1.16 -12.90
N GLY C 154 -17.79 2.11 -11.96
CA GLY C 154 -18.37 1.95 -10.63
C GLY C 154 -19.36 3.06 -10.36
N MET C 155 -19.12 3.82 -9.29
CA MET C 155 -20.03 4.92 -8.98
C MET C 155 -19.98 6.00 -10.07
N ASN C 156 -18.87 6.04 -10.82
CA ASN C 156 -18.77 6.89 -12.02
C ASN C 156 -19.25 8.32 -11.77
N ARG C 157 -18.83 8.90 -10.64
CA ARG C 157 -19.12 10.28 -10.27
C ARG C 157 -20.57 10.54 -9.84
N ARG C 158 -21.33 9.49 -9.59
CA ARG C 158 -22.69 9.64 -9.09
C ARG C 158 -22.69 9.64 -7.57
N PRO C 159 -23.35 10.62 -6.95
CA PRO C 159 -23.46 10.67 -5.48
C PRO C 159 -24.25 9.48 -4.94
N ILE C 160 -23.88 9.04 -3.74
CA ILE C 160 -24.60 7.96 -3.07
C ILE C 160 -25.09 8.38 -1.69
N LEU C 161 -26.06 7.62 -1.18
CA LEU C 161 -26.47 7.76 0.20
C LEU C 161 -26.05 6.50 0.91
N THR C 162 -25.64 6.64 2.16
CA THR C 162 -25.49 5.48 3.00
C THR C 162 -26.74 5.43 3.88
N ILE C 163 -27.41 4.29 3.89
CA ILE C 163 -28.58 4.09 4.76
C ILE C 163 -28.19 3.18 5.92
N ILE C 164 -28.35 3.68 7.14
CA ILE C 164 -28.03 2.90 8.32
C ILE C 164 -29.33 2.45 8.99
N THR C 165 -29.54 1.15 9.12
CA THR C 165 -30.75 0.69 9.78
C THR C 165 -30.47 -0.10 11.04
N LEU C 166 -31.29 0.11 12.07
CA LEU C 166 -31.22 -0.69 13.27
C LEU C 166 -32.27 -1.81 13.15
N GLU C 167 -31.86 -3.07 13.28
CA GLU C 167 -32.78 -4.19 13.08
C GLU C 167 -32.81 -5.11 14.28
N ASP C 168 -33.92 -5.81 14.46
CA ASP C 168 -33.95 -6.86 15.47
C ASP C 168 -33.28 -8.11 14.91
N SER C 169 -33.27 -9.18 15.69
CA SER C 169 -32.54 -10.38 15.30
C SER C 169 -33.13 -11.08 14.07
N SER C 170 -34.39 -10.78 13.75
CA SER C 170 -34.99 -11.32 12.52
C SER C 170 -34.75 -10.43 11.31
N GLY C 171 -34.22 -9.23 11.54
CA GLY C 171 -33.98 -8.28 10.46
C GLY C 171 -35.14 -7.31 10.26
N ASN C 172 -36.08 -7.28 11.21
CA ASN C 172 -37.20 -6.33 11.17
C ASN C 172 -36.73 -4.93 11.54
N LEU C 173 -37.39 -3.92 10.99
CA LEU C 173 -36.94 -2.54 11.10
C LEU C 173 -37.17 -1.92 12.49
N LEU C 174 -36.13 -1.36 13.09
CA LEU C 174 -36.27 -0.70 14.39
C LEU C 174 -36.06 0.81 14.26
N GLY C 175 -35.24 1.20 13.28
CA GLY C 175 -34.93 2.61 13.08
C GLY C 175 -34.10 2.76 11.82
N ARG C 176 -34.06 3.98 11.29
CA ARG C 176 -33.33 4.24 10.05
C ARG C 176 -32.84 5.67 10.00
N ASN C 177 -31.63 5.85 9.50
CA ASN C 177 -31.08 7.17 9.25
C ASN C 177 -30.22 7.09 7.99
N SER C 178 -29.81 8.23 7.45
CA SER C 178 -29.00 8.19 6.24
C SER C 178 -28.17 9.46 6.10
N PHE C 179 -27.15 9.39 5.27
CA PHE C 179 -26.34 10.54 4.95
C PHE C 179 -25.75 10.37 3.56
N GLU C 180 -25.45 11.48 2.91
CA GLU C 180 -24.82 11.42 1.61
C GLU C 180 -23.33 11.17 1.81
N VAL C 181 -22.70 10.54 0.82
CA VAL C 181 -21.27 10.25 0.89
C VAL C 181 -20.56 10.63 -0.40
N ARG C 182 -19.44 11.30 -0.26
CA ARG C 182 -18.51 11.49 -1.38
C ARG C 182 -17.16 10.86 -1.00
N VAL C 183 -16.74 9.86 -1.75
CA VAL C 183 -15.43 9.28 -1.52
C VAL C 183 -14.48 9.91 -2.52
N CYS C 184 -13.42 10.54 -2.04
CA CYS C 184 -12.59 11.38 -2.89
C CYS C 184 -11.20 11.53 -2.31
N ALA C 185 -10.28 12.05 -3.11
CA ALA C 185 -8.90 12.21 -2.69
C ALA C 185 -8.70 13.35 -1.69
N CYS C 186 -9.49 14.41 -1.83
CA CYS C 186 -9.30 15.61 -0.99
C CYS C 186 -10.60 16.04 -0.33
N PRO C 187 -11.00 15.33 0.74
CA PRO C 187 -12.28 15.58 1.40
C PRO C 187 -12.48 17.03 1.85
N GLY C 188 -11.47 17.64 2.48
CA GLY C 188 -11.57 19.01 2.93
C GLY C 188 -11.78 20.01 1.79
N ARG C 189 -10.99 19.87 0.73
CA ARG C 189 -11.16 20.71 -0.46
C ARG C 189 -12.57 20.58 -1.01
N ASP C 190 -13.01 19.33 -1.17
CA ASP C 190 -14.29 19.09 -1.84
C ASP C 190 -15.46 19.49 -0.97
N ARG C 191 -15.34 19.31 0.35
CA ARG C 191 -16.39 19.75 1.25
C ARG C 191 -16.57 21.27 1.18
N ARG C 192 -15.46 22.01 1.24
CA ARG C 192 -15.57 23.46 1.19
C ARG C 192 -16.13 23.94 -0.16
N THR C 193 -15.76 23.26 -1.24
CA THR C 193 -16.31 23.60 -2.55
C THR C 193 -17.82 23.44 -2.60
N GLU C 194 -18.34 22.31 -2.14
CA GLU C 194 -19.79 22.08 -2.17
C GLU C 194 -20.56 23.01 -1.21
N GLU C 195 -19.97 23.30 -0.06
CA GLU C 195 -20.60 24.24 0.88
C GLU C 195 -20.64 25.66 0.31
N GLU C 196 -19.56 26.07 -0.37
CA GLU C 196 -19.52 27.37 -1.02
C GLU C 196 -20.61 27.47 -2.10
N ASN C 197 -20.73 26.41 -2.89
CA ASN C 197 -21.73 26.36 -3.96
C ASN C 197 -23.17 26.41 -3.48
N LEU C 198 -23.38 26.23 -2.19
CA LEU C 198 -24.70 26.31 -1.60
C LEU C 198 -25.19 27.76 -1.71
N ARG C 199 -24.24 28.68 -1.64
CA ARG C 199 -24.53 30.10 -1.74
C ARG C 199 -24.68 30.55 -3.19
N LYS C 200 -24.48 29.61 -4.12
CA LYS C 200 -24.58 29.91 -5.54
C LYS C 200 -25.82 29.27 -6.17
N PRO D 1 -0.24 -9.81 -16.97
CA PRO D 1 0.92 -10.60 -16.53
C PRO D 1 2.21 -10.14 -17.22
N LEU D 2 3.28 -10.91 -17.06
CA LEU D 2 4.57 -10.54 -17.63
C LEU D 2 4.89 -11.38 -18.85
N SER D 3 5.65 -10.80 -19.77
CA SER D 3 6.14 -11.52 -20.94
C SER D 3 7.53 -12.06 -20.66
N SER D 4 7.89 -13.14 -21.34
CA SER D 4 9.21 -13.75 -21.20
C SER D 4 10.26 -12.91 -21.89
N SER D 5 9.82 -12.04 -22.79
CA SER D 5 10.74 -11.27 -23.62
C SER D 5 10.30 -9.82 -23.79
N VAL D 6 11.16 -9.03 -24.43
CA VAL D 6 10.83 -7.67 -24.81
C VAL D 6 11.10 -7.48 -26.29
N PRO D 7 10.08 -7.02 -27.04
CA PRO D 7 10.27 -6.79 -28.47
C PRO D 7 11.33 -5.71 -28.70
N SER D 8 12.20 -5.92 -29.67
CA SER D 8 13.17 -4.91 -30.06
C SER D 8 12.44 -3.64 -30.53
N GLN D 9 13.02 -2.49 -30.25
CA GLN D 9 12.43 -1.23 -30.69
C GLN D 9 13.36 -0.48 -31.65
N LYS D 10 14.50 -1.08 -31.96
CA LYS D 10 15.47 -0.48 -32.87
C LYS D 10 14.90 -0.13 -34.24
N THR D 11 15.05 1.12 -34.64
CA THR D 11 14.67 1.55 -35.96
C THR D 11 15.47 0.76 -36.99
N TYR D 12 14.77 0.26 -38.00
CA TYR D 12 15.39 -0.54 -39.04
C TYR D 12 14.62 -0.28 -40.34
N GLN D 13 15.16 0.56 -41.20
CA GLN D 13 14.48 0.90 -42.45
C GLN D 13 14.51 -0.25 -43.42
N GLY D 14 15.54 -1.10 -43.32
CA GLY D 14 15.61 -2.32 -44.10
C GLY D 14 15.74 -2.11 -45.59
N SER D 15 15.58 -3.18 -46.36
CA SER D 15 15.79 -3.15 -47.81
C SER D 15 14.84 -2.22 -48.54
N TYR D 16 13.64 -2.04 -47.98
CA TYR D 16 12.60 -1.28 -48.66
C TYR D 16 12.54 0.19 -48.24
N GLY D 17 13.46 0.60 -47.38
CA GLY D 17 13.54 1.98 -46.93
C GLY D 17 12.28 2.42 -46.19
N PHE D 18 11.90 1.63 -45.19
CA PHE D 18 10.64 1.79 -44.51
C PHE D 18 10.73 2.93 -43.51
N ARG D 19 9.83 3.90 -43.64
CA ARG D 19 9.75 5.05 -42.73
C ARG D 19 8.31 5.30 -42.34
N LEU D 20 8.10 6.00 -41.23
CA LEU D 20 6.75 6.42 -40.85
C LEU D 20 6.59 7.90 -41.12
N GLY D 21 5.35 8.32 -41.36
CA GLY D 21 5.03 9.73 -41.50
C GLY D 21 3.75 10.04 -40.73
N PHE D 22 3.53 11.30 -40.39
CA PHE D 22 2.36 11.70 -39.62
C PHE D 22 1.80 13.02 -40.14
N LEU D 23 0.51 13.25 -39.91
CA LEU D 23 -0.14 14.48 -40.32
C LEU D 23 0.36 15.69 -39.53
N HIS D 24 0.12 16.89 -40.06
CA HIS D 24 0.64 18.13 -39.46
C HIS D 24 -0.31 18.79 -38.47
N SER D 25 -1.28 18.05 -37.95
CA SER D 25 -2.25 18.59 -37.00
C SER D 25 -1.57 19.51 -35.99
N GLY D 26 -2.20 20.63 -35.67
CA GLY D 26 -1.68 21.57 -34.69
C GLY D 26 -1.94 21.12 -33.26
N THR D 27 -1.89 22.07 -32.32
CA THR D 27 -2.01 21.74 -30.90
C THR D 27 -3.20 22.41 -30.22
N ALA D 28 -4.35 22.39 -30.88
CA ALA D 28 -5.53 23.11 -30.39
C ALA D 28 -6.36 22.30 -29.40
N LYS D 29 -7.41 22.93 -28.89
CA LYS D 29 -8.46 22.24 -28.17
C LYS D 29 -9.43 21.71 -29.22
N SER D 30 -9.90 20.49 -29.01
CA SER D 30 -10.73 19.79 -29.99
C SER D 30 -9.95 18.79 -30.83
N VAL D 31 -8.62 18.82 -30.72
CA VAL D 31 -7.77 18.04 -31.60
C VAL D 31 -7.69 16.60 -31.09
N THR D 32 -8.06 15.67 -31.96
CA THR D 32 -8.18 14.27 -31.58
C THR D 32 -6.89 13.47 -31.76
N CYS D 33 -6.00 13.95 -32.63
CA CYS D 33 -4.72 13.27 -32.87
C CYS D 33 -3.69 14.25 -33.41
N THR D 34 -2.61 14.43 -32.66
CA THR D 34 -1.54 15.33 -33.09
C THR D 34 -0.18 14.73 -32.75
N TYR D 35 0.75 14.87 -33.68
CA TYR D 35 2.08 14.27 -33.57
C TYR D 35 3.13 15.34 -33.30
N SER D 36 4.05 15.02 -32.39
CA SER D 36 5.14 15.92 -32.06
C SER D 36 6.46 15.40 -32.65
N PRO D 37 7.00 16.07 -33.69
CA PRO D 37 8.30 15.71 -34.25
C PRO D 37 9.43 15.85 -33.22
N ALA D 38 9.31 16.85 -32.34
CA ALA D 38 10.33 17.10 -31.33
C ALA D 38 10.48 15.91 -30.39
N LEU D 39 9.36 15.30 -30.05
CA LEU D 39 9.33 14.21 -29.08
C LEU D 39 9.18 12.83 -29.74
N ASN D 40 8.98 12.80 -31.06
CA ASN D 40 8.55 11.58 -31.76
C ASN D 40 7.44 10.90 -30.97
N LYS D 41 6.38 11.66 -30.69
CA LYS D 41 5.30 11.21 -29.81
C LYS D 41 3.93 11.60 -30.36
N MET D 42 3.04 10.63 -30.46
CA MET D 42 1.68 10.90 -30.86
C MET D 42 0.85 11.17 -29.62
N PHE D 43 0.00 12.19 -29.71
CA PHE D 43 -0.95 12.51 -28.64
C PHE D 43 -2.32 12.34 -29.25
N CYS D 44 -3.16 11.49 -28.66
CA CYS D 44 -4.45 11.20 -29.27
C CYS D 44 -5.53 10.92 -28.25
N GLN D 45 -6.79 11.05 -28.66
CA GLN D 45 -7.89 10.72 -27.78
C GLN D 45 -8.30 9.26 -27.92
N LEU D 46 -8.92 8.74 -26.86
CA LEU D 46 -9.36 7.34 -26.81
C LEU D 46 -10.36 7.05 -27.92
N ALA D 47 -10.11 5.98 -28.66
CA ALA D 47 -11.01 5.51 -29.71
C ALA D 47 -11.16 6.47 -30.89
N LYS D 48 -10.29 7.47 -30.98
CA LYS D 48 -10.26 8.36 -32.14
C LYS D 48 -9.28 7.85 -33.20
N THR D 49 -9.50 8.27 -34.43
CA THR D 49 -8.68 7.87 -35.56
C THR D 49 -7.26 8.43 -35.44
N CYS D 50 -6.26 7.56 -35.53
CA CYS D 50 -4.87 7.98 -35.53
C CYS D 50 -4.18 7.53 -36.81
N PRO D 51 -4.06 8.44 -37.79
CA PRO D 51 -3.45 8.07 -39.06
C PRO D 51 -1.94 7.94 -38.93
N VAL D 52 -1.41 6.81 -39.38
CA VAL D 52 0.02 6.62 -39.47
C VAL D 52 0.36 6.28 -40.92
N GLN D 53 1.30 7.01 -41.50
CA GLN D 53 1.69 6.81 -42.89
C GLN D 53 2.87 5.86 -42.96
N LEU D 54 2.78 4.88 -43.86
CA LEU D 54 3.91 4.01 -44.17
C LEU D 54 4.56 4.50 -45.46
N TRP D 55 5.85 4.85 -45.37
CA TRP D 55 6.62 5.25 -46.54
C TRP D 55 7.68 4.19 -46.84
N VAL D 56 7.85 3.85 -48.12
CA VAL D 56 8.90 2.94 -48.54
C VAL D 56 9.58 3.46 -49.80
N ASP D 57 10.87 3.18 -49.95
CA ASP D 57 11.59 3.57 -51.15
C ASP D 57 11.23 2.66 -52.30
N SER D 58 11.00 1.38 -52.00
CA SER D 58 10.53 0.44 -53.02
C SER D 58 9.48 -0.51 -52.45
N THR D 59 8.65 -1.06 -53.34
CA THR D 59 7.49 -1.83 -52.94
C THR D 59 7.85 -3.26 -52.48
N PRO D 60 7.47 -3.60 -51.23
CA PRO D 60 7.67 -4.95 -50.69
C PRO D 60 6.78 -5.95 -51.41
N PRO D 61 7.15 -7.22 -51.40
CA PRO D 61 6.38 -8.26 -52.12
C PRO D 61 4.95 -8.41 -51.60
N PRO D 62 4.05 -8.88 -52.47
CA PRO D 62 2.70 -9.27 -52.05
C PRO D 62 2.77 -10.29 -50.92
N GLY D 63 1.92 -10.12 -49.91
CA GLY D 63 1.95 -10.99 -48.75
C GLY D 63 2.64 -10.32 -47.58
N THR D 64 3.30 -9.19 -47.85
CA THR D 64 3.91 -8.39 -46.80
C THR D 64 2.83 -7.87 -45.86
N ARG D 65 3.11 -7.92 -44.56
CA ARG D 65 2.13 -7.47 -43.58
C ARG D 65 2.67 -6.34 -42.70
N VAL D 66 1.77 -5.58 -42.10
CA VAL D 66 2.14 -4.49 -41.20
C VAL D 66 1.56 -4.76 -39.83
N ARG D 67 2.44 -4.83 -38.83
CA ARG D 67 2.04 -5.16 -37.47
C ARG D 67 2.30 -3.99 -36.52
N ALA D 68 1.36 -3.78 -35.60
CA ALA D 68 1.51 -2.79 -34.54
C ALA D 68 1.41 -3.47 -33.17
N MET D 69 2.31 -3.08 -32.28
CA MET D 69 2.38 -3.61 -30.92
C MET D 69 2.78 -2.47 -29.96
N ALA D 70 2.19 -2.44 -28.78
CA ALA D 70 2.59 -1.48 -27.76
C ALA D 70 3.47 -2.15 -26.71
N ILE D 71 4.49 -1.44 -26.23
CA ILE D 71 5.22 -1.83 -25.03
C ILE D 71 5.38 -0.62 -24.11
N TYR D 72 5.56 -0.86 -22.82
CA TYR D 72 5.89 0.24 -21.91
C TYR D 72 7.27 0.80 -22.25
N LYS D 73 7.40 2.12 -22.20
CA LYS D 73 8.66 2.76 -22.55
C LYS D 73 9.72 2.62 -21.43
N GLN D 74 9.29 2.78 -20.18
CA GLN D 74 10.21 2.70 -19.06
C GLN D 74 10.73 1.28 -18.89
N SER D 75 12.05 1.13 -18.78
CA SER D 75 12.68 -0.19 -18.75
C SER D 75 12.13 -1.16 -17.71
N GLN D 76 11.78 -0.66 -16.53
CA GLN D 76 11.30 -1.56 -15.49
C GLN D 76 9.90 -2.12 -15.79
N HIS D 77 9.19 -1.50 -16.72
CA HIS D 77 7.85 -1.94 -17.06
C HIS D 77 7.82 -2.70 -18.38
N MET D 78 8.96 -2.76 -19.05
CA MET D 78 9.01 -3.32 -20.40
C MET D 78 8.46 -4.73 -20.53
N THR D 79 8.64 -5.55 -19.51
CA THR D 79 8.19 -6.94 -19.56
C THR D 79 6.70 -7.09 -19.28
N GLU D 80 6.06 -6.02 -18.82
CA GLU D 80 4.62 -6.09 -18.57
C GLU D 80 3.84 -5.88 -19.87
N VAL D 81 2.97 -6.84 -20.19
CA VAL D 81 2.17 -6.75 -21.39
C VAL D 81 1.24 -5.54 -21.33
N VAL D 82 1.22 -4.75 -22.40
CA VAL D 82 0.32 -3.60 -22.46
C VAL D 82 -1.06 -4.12 -22.83
N ARG D 83 -2.06 -3.83 -22.01
CA ARG D 83 -3.42 -4.27 -22.27
C ARG D 83 -4.44 -3.24 -21.78
N ARG D 84 -5.70 -3.41 -22.15
CA ARG D 84 -6.75 -2.52 -21.68
C ARG D 84 -6.99 -2.71 -20.18
N CYS D 85 -7.42 -1.65 -19.51
CA CYS D 85 -7.78 -1.72 -18.09
C CYS D 85 -9.06 -2.53 -17.92
N PRO D 86 -9.36 -2.97 -16.69
CA PRO D 86 -10.51 -3.83 -16.41
C PRO D 86 -11.85 -3.19 -16.79
N HIS D 87 -11.96 -1.87 -16.63
CA HIS D 87 -13.20 -1.21 -17.01
C HIS D 87 -13.45 -1.25 -18.52
N HIS D 88 -12.48 -0.80 -19.30
CA HIS D 88 -12.67 -0.75 -20.76
C HIS D 88 -12.71 -2.14 -21.38
N GLU D 89 -12.00 -3.07 -20.76
CA GLU D 89 -12.07 -4.45 -21.16
C GLU D 89 -13.50 -4.98 -21.08
N ARG D 90 -14.25 -4.50 -20.10
CA ARG D 90 -15.59 -5.02 -19.83
C ARG D 90 -16.69 -4.24 -20.54
N CYS D 91 -16.43 -2.97 -20.84
CA CYS D 91 -17.46 -2.14 -21.48
C CYS D 91 -17.75 -2.69 -22.87
N SER D 92 -18.88 -2.30 -23.44
CA SER D 92 -19.37 -2.93 -24.64
C SER D 92 -19.03 -2.15 -25.90
N ASP D 93 -17.74 -2.07 -26.22
CA ASP D 93 -17.30 -1.22 -27.32
C ASP D 93 -16.56 -1.94 -28.43
N SER D 94 -16.55 -3.26 -28.38
CA SER D 94 -15.91 -4.05 -29.44
C SER D 94 -16.56 -3.77 -30.79
N ASP D 95 -15.75 -3.71 -31.83
CA ASP D 95 -16.23 -3.39 -33.17
C ASP D 95 -16.63 -4.64 -33.94
N GLY D 96 -16.68 -5.76 -33.23
CA GLY D 96 -17.02 -7.04 -33.84
C GLY D 96 -15.81 -7.77 -34.35
N LEU D 97 -14.69 -7.06 -34.44
CA LEU D 97 -13.46 -7.63 -34.97
C LEU D 97 -12.37 -7.77 -33.91
N ALA D 98 -12.22 -6.73 -33.09
CA ALA D 98 -11.15 -6.70 -32.09
C ALA D 98 -11.55 -7.36 -30.77
N PRO D 99 -10.66 -8.19 -30.21
CA PRO D 99 -10.88 -8.70 -28.85
C PRO D 99 -10.93 -7.55 -27.85
N PRO D 100 -11.72 -7.71 -26.77
CA PRO D 100 -11.99 -6.62 -25.83
C PRO D 100 -10.76 -6.12 -25.10
N GLN D 101 -9.74 -6.96 -24.95
CA GLN D 101 -8.57 -6.59 -24.15
C GLN D 101 -7.42 -5.95 -24.94
N HIS D 102 -7.57 -5.86 -26.25
CA HIS D 102 -6.52 -5.28 -27.10
C HIS D 102 -6.56 -3.77 -27.03
N LEU D 103 -5.42 -3.17 -26.69
CA LEU D 103 -5.32 -1.70 -26.69
C LEU D 103 -5.44 -1.12 -28.09
N ILE D 104 -4.72 -1.71 -29.03
CA ILE D 104 -4.60 -1.12 -30.36
C ILE D 104 -5.48 -1.83 -31.39
N ARG D 105 -6.35 -1.06 -32.03
CA ARG D 105 -7.19 -1.56 -33.11
C ARG D 105 -6.82 -0.87 -34.42
N VAL D 106 -7.15 -1.52 -35.53
CA VAL D 106 -7.09 -0.87 -36.84
C VAL D 106 -8.53 -0.66 -37.27
N GLU D 107 -8.87 0.57 -37.66
CA GLU D 107 -10.23 0.81 -38.13
C GLU D 107 -10.32 0.77 -39.64
N GLY D 108 -11.44 0.29 -40.15
CA GLY D 108 -11.70 0.30 -41.58
C GLY D 108 -10.88 -0.69 -42.39
N ASN D 109 -10.65 -1.88 -41.84
CA ASN D 109 -9.96 -2.92 -42.59
C ASN D 109 -10.48 -4.31 -42.26
N LEU D 110 -11.22 -4.88 -43.20
CA LEU D 110 -11.83 -6.20 -43.01
C LEU D 110 -10.81 -7.32 -42.87
N ARG D 111 -9.59 -7.10 -43.34
CA ARG D 111 -8.56 -8.13 -43.31
C ARG D 111 -7.65 -8.01 -42.09
N VAL D 112 -8.09 -7.24 -41.11
CA VAL D 112 -7.34 -7.10 -39.86
C VAL D 112 -7.30 -8.41 -39.09
N GLU D 113 -6.13 -8.73 -38.52
CA GLU D 113 -6.01 -9.87 -37.62
C GLU D 113 -5.48 -9.41 -36.27
N TYR D 114 -6.03 -9.98 -35.20
CA TYR D 114 -5.55 -9.70 -33.86
C TYR D 114 -4.87 -10.94 -33.30
N LEU D 115 -3.63 -10.77 -32.85
CA LEU D 115 -2.87 -11.89 -32.32
C LEU D 115 -2.63 -11.77 -30.83
N ASP D 116 -2.80 -12.90 -30.14
CA ASP D 116 -2.39 -13.02 -28.75
C ASP D 116 -1.30 -14.09 -28.71
N ASP D 117 -0.05 -13.63 -28.74
CA ASP D 117 1.10 -14.52 -28.91
C ASP D 117 1.19 -15.55 -27.79
N ARG D 118 1.20 -16.83 -28.18
CA ARG D 118 1.18 -17.92 -27.20
C ARG D 118 2.47 -18.00 -26.38
N ASN D 119 3.57 -17.51 -26.94
CA ASN D 119 4.86 -17.61 -26.28
C ASN D 119 5.24 -16.36 -25.49
N THR D 120 4.94 -15.19 -26.05
CA THR D 120 5.34 -13.92 -25.44
C THR D 120 4.18 -13.28 -24.68
N PHE D 121 2.97 -13.70 -25.00
CA PHE D 121 1.75 -13.16 -24.38
C PHE D 121 1.43 -11.73 -24.85
N ARG D 122 2.16 -11.26 -25.85
CA ARG D 122 1.96 -9.90 -26.38
C ARG D 122 0.73 -9.85 -27.30
N HIS D 123 0.00 -8.74 -27.24
CA HIS D 123 -1.06 -8.50 -28.20
C HIS D 123 -0.50 -7.74 -29.39
N SER D 124 -1.03 -8.00 -30.59
CA SER D 124 -0.68 -7.17 -31.74
C SER D 124 -1.78 -7.21 -32.78
N VAL D 125 -1.77 -6.22 -33.66
CA VAL D 125 -2.76 -6.12 -34.71
C VAL D 125 -2.04 -5.99 -36.03
N VAL D 126 -2.45 -6.81 -36.99
CA VAL D 126 -1.75 -6.93 -38.27
C VAL D 126 -2.71 -6.79 -39.43
N VAL D 127 -2.29 -6.05 -40.46
CA VAL D 127 -3.03 -5.96 -41.70
C VAL D 127 -2.09 -6.20 -42.88
N PRO D 128 -2.64 -6.61 -44.04
CA PRO D 128 -1.81 -6.75 -45.24
C PRO D 128 -1.29 -5.39 -45.69
N TYR D 129 -0.02 -5.33 -46.07
CA TYR D 129 0.51 -4.12 -46.65
C TYR D 129 -0.07 -3.91 -48.05
N GLU D 130 -0.51 -2.69 -48.33
CA GLU D 130 -1.01 -2.35 -49.65
C GLU D 130 -0.20 -1.18 -50.18
N PRO D 131 0.40 -1.32 -51.37
CA PRO D 131 1.16 -0.17 -51.91
C PRO D 131 0.24 1.04 -52.00
N PRO D 132 0.81 2.26 -51.90
CA PRO D 132 0.04 3.51 -51.88
C PRO D 132 -0.96 3.67 -53.04
N GLU D 133 -2.02 4.43 -52.79
CA GLU D 133 -3.03 4.69 -53.79
C GLU D 133 -2.56 5.77 -54.78
N VAL D 134 -3.12 5.75 -55.99
CA VAL D 134 -2.72 6.72 -57.01
C VAL D 134 -2.71 8.15 -56.47
N GLY D 135 -1.55 8.80 -56.53
CA GLY D 135 -1.43 10.17 -56.07
C GLY D 135 -0.64 10.32 -54.79
N SER D 136 -0.74 9.31 -53.92
CA SER D 136 0.00 9.31 -52.66
C SER D 136 1.35 8.63 -52.77
N ASP D 137 2.32 9.13 -52.01
CA ASP D 137 3.62 8.49 -51.89
C ASP D 137 3.67 7.64 -50.61
N CYS D 138 2.53 7.49 -49.94
CA CYS D 138 2.49 6.71 -48.71
C CYS D 138 1.15 5.97 -48.52
N THR D 139 1.21 4.84 -47.83
CA THR D 139 0.02 4.10 -47.40
C THR D 139 -0.33 4.51 -45.98
N THR D 140 -1.59 4.85 -45.76
CA THR D 140 -2.02 5.27 -44.44
C THR D 140 -2.79 4.16 -43.73
N ILE D 141 -2.40 3.90 -42.48
CA ILE D 141 -3.16 2.99 -41.63
C ILE D 141 -3.81 3.78 -40.50
N HIS D 142 -5.03 3.41 -40.15
CA HIS D 142 -5.74 4.14 -39.11
C HIS D 142 -5.88 3.32 -37.86
N TYR D 143 -5.18 3.74 -36.82
CA TYR D 143 -5.22 3.04 -35.55
C TYR D 143 -6.17 3.74 -34.59
N ASN D 144 -6.71 2.96 -33.65
CA ASN D 144 -7.48 3.47 -32.54
C ASN D 144 -6.82 2.96 -31.25
N TYR D 145 -6.68 3.82 -30.26
CA TYR D 145 -6.15 3.39 -28.96
C TYR D 145 -7.31 3.40 -27.95
N MET D 146 -7.53 2.28 -27.27
CA MET D 146 -8.80 2.02 -26.60
C MET D 146 -8.76 2.18 -25.06
N CYS D 147 -7.68 2.76 -24.55
CA CYS D 147 -7.57 3.19 -23.16
C CYS D 147 -6.75 4.47 -23.12
N ASN D 148 -7.05 5.34 -22.16
CA ASN D 148 -6.18 6.48 -21.88
C ASN D 148 -4.92 5.99 -21.21
N SER D 149 -3.80 6.70 -21.43
CA SER D 149 -2.56 6.38 -20.74
C SER D 149 -2.79 6.30 -19.22
N SER D 150 -3.74 7.09 -18.72
CA SER D 150 -4.01 7.20 -17.29
C SER D 150 -4.93 6.12 -16.69
N CYS D 151 -5.49 5.24 -17.52
CA CYS D 151 -6.43 4.24 -17.01
C CYS D 151 -5.86 3.43 -15.84
N MET D 152 -6.55 3.49 -14.70
CA MET D 152 -6.06 2.76 -13.54
C MET D 152 -6.31 1.27 -13.76
N GLY D 153 -5.36 0.44 -13.35
CA GLY D 153 -5.43 -0.98 -13.63
C GLY D 153 -5.00 -1.33 -15.05
N GLY D 154 -4.66 -0.31 -15.83
CA GLY D 154 -4.20 -0.52 -17.20
C GLY D 154 -2.84 0.12 -17.36
N MET D 155 -2.71 1.05 -18.30
CA MET D 155 -1.42 1.72 -18.46
C MET D 155 -1.06 2.56 -17.23
N ASN D 156 -2.06 2.94 -16.46
CA ASN D 156 -1.83 3.57 -15.16
C ASN D 156 -0.80 4.70 -15.20
N ARG D 157 -0.90 5.55 -16.22
CA ARG D 157 -0.07 6.74 -16.39
C ARG D 157 1.37 6.46 -16.84
N ARG D 158 1.65 5.23 -17.27
CA ARG D 158 2.95 4.91 -17.81
C ARG D 158 2.96 5.10 -19.32
N PRO D 159 3.98 5.79 -19.85
CA PRO D 159 4.11 6.02 -21.29
C PRO D 159 4.35 4.71 -22.03
N ILE D 160 3.84 4.61 -23.24
CA ILE D 160 4.08 3.45 -24.10
C ILE D 160 4.72 3.85 -25.43
N LEU D 161 5.30 2.86 -26.09
CA LEU D 161 5.77 3.00 -27.46
C LEU D 161 4.88 2.15 -28.33
N THR D 162 4.58 2.64 -29.53
CA THR D 162 3.98 1.77 -30.51
C THR D 162 5.09 1.36 -31.46
N ILE D 163 5.24 0.05 -31.65
CA ILE D 163 6.24 -0.48 -32.59
C ILE D 163 5.54 -0.98 -33.86
N ILE D 164 5.87 -0.37 -34.98
CA ILE D 164 5.29 -0.78 -36.26
C ILE D 164 6.32 -1.60 -37.03
N THR D 165 5.99 -2.86 -37.31
CA THR D 165 6.91 -3.69 -38.08
C THR D 165 6.36 -4.09 -39.45
N LEU D 166 7.21 -4.00 -40.45
CA LEU D 166 6.91 -4.50 -41.78
C LEU D 166 7.41 -5.94 -41.82
N GLU D 167 6.51 -6.89 -42.06
CA GLU D 167 6.86 -8.31 -41.98
C GLU D 167 6.54 -9.09 -43.26
N ASP D 168 7.27 -10.20 -43.46
CA ASP D 168 7.03 -11.06 -44.62
C ASP D 168 6.42 -12.39 -44.20
N SER D 169 5.30 -12.74 -44.82
CA SER D 169 4.77 -14.10 -44.80
C SER D 169 4.99 -14.85 -43.49
N SER D 170 6.18 -15.44 -43.35
CA SER D 170 6.55 -16.22 -42.18
C SER D 170 6.50 -15.38 -40.90
N GLY D 171 6.56 -14.07 -41.07
CA GLY D 171 6.64 -13.15 -39.94
C GLY D 171 8.03 -12.58 -39.74
N ASN D 172 8.95 -12.91 -40.64
CA ASN D 172 10.32 -12.39 -40.54
C ASN D 172 10.37 -10.88 -40.77
N LEU D 173 11.43 -10.27 -40.26
CA LEU D 173 11.51 -8.81 -40.13
C LEU D 173 11.99 -8.13 -41.41
N LEU D 174 11.14 -7.26 -41.97
CA LEU D 174 11.52 -6.50 -43.15
C LEU D 174 11.91 -5.08 -42.78
N GLY D 175 11.28 -4.55 -41.73
CA GLY D 175 11.57 -3.19 -41.29
C GLY D 175 10.89 -2.89 -39.98
N ARG D 176 11.37 -1.87 -39.27
CA ARG D 176 10.79 -1.51 -37.98
C ARG D 176 10.93 -0.03 -37.71
N ASN D 177 9.87 0.55 -37.16
CA ASN D 177 9.88 1.93 -36.70
C ASN D 177 9.03 2.02 -35.44
N SER D 178 9.13 3.11 -34.69
CA SER D 178 8.34 3.24 -33.47
C SER D 178 8.11 4.70 -33.12
N PHE D 179 7.12 4.94 -32.28
CA PHE D 179 6.86 6.27 -31.76
C PHE D 179 6.23 6.17 -30.38
N GLU D 180 6.42 7.19 -29.57
CA GLU D 180 5.79 7.21 -28.25
C GLU D 180 4.33 7.61 -28.41
N VAL D 181 3.48 7.13 -27.51
CA VAL D 181 2.07 7.48 -27.52
C VAL D 181 1.57 7.92 -26.15
N ARG D 182 0.82 9.02 -26.13
CA ARG D 182 0.03 9.40 -24.98
C ARG D 182 -1.45 9.45 -25.39
N VAL D 183 -2.26 8.59 -24.79
CA VAL D 183 -3.68 8.65 -25.04
C VAL D 183 -4.29 9.45 -23.91
N CYS D 184 -5.00 10.53 -24.24
CA CYS D 184 -5.42 11.50 -23.24
C CYS D 184 -6.63 12.31 -23.71
N ALA D 185 -7.23 13.06 -22.80
CA ALA D 185 -8.43 13.83 -23.10
C ALA D 185 -8.14 15.09 -23.91
N CYS D 186 -6.98 15.71 -23.65
CA CYS D 186 -6.62 16.95 -24.33
C CYS D 186 -5.23 16.88 -24.99
N PRO D 187 -5.15 16.23 -26.16
CA PRO D 187 -3.88 16.05 -26.89
C PRO D 187 -3.09 17.35 -27.16
N GLY D 188 -3.77 18.39 -27.63
CA GLY D 188 -3.12 19.67 -27.88
C GLY D 188 -2.54 20.30 -26.63
N ARG D 189 -3.33 20.35 -25.55
CA ARG D 189 -2.83 20.83 -24.27
C ARG D 189 -1.59 20.06 -23.85
N ASP D 190 -1.69 18.74 -23.87
CA ASP D 190 -0.64 17.91 -23.30
C ASP D 190 0.62 17.92 -24.18
N ARG D 191 0.43 18.00 -25.50
CA ARG D 191 1.58 18.11 -26.40
C ARG D 191 2.37 19.40 -26.13
N ARG D 192 1.67 20.51 -26.01
CA ARG D 192 2.34 21.77 -25.76
C ARG D 192 3.05 21.78 -24.42
N THR D 193 2.44 21.17 -23.42
CA THR D 193 3.07 21.07 -22.10
C THR D 193 4.39 20.32 -22.18
N GLU D 194 4.38 19.13 -22.77
CA GLU D 194 5.60 18.32 -22.82
C GLU D 194 6.67 18.96 -23.72
N GLU D 195 6.25 19.66 -24.76
CA GLU D 195 7.22 20.39 -25.59
C GLU D 195 7.85 21.57 -24.83
N GLU D 196 7.04 22.29 -24.05
CA GLU D 196 7.56 23.35 -23.19
C GLU D 196 8.56 22.79 -22.18
N ASN D 197 8.21 21.67 -21.56
CA ASN D 197 9.06 21.08 -20.52
C ASN D 197 10.42 20.63 -21.05
N LEU D 198 10.54 20.55 -22.36
CA LEU D 198 11.79 20.17 -22.99
C LEU D 198 12.83 21.26 -22.72
N ARG D 199 12.36 22.48 -22.59
CA ARG D 199 13.21 23.64 -22.27
C ARG D 199 13.50 23.75 -20.78
N LYS D 200 12.92 22.85 -19.98
CA LYS D 200 13.09 22.87 -18.53
C LYS D 200 13.94 21.70 -18.05
ZN ZN G . 8.56 -3.64 19.55
ZN ZN H . 12.25 -4.23 7.40
ZN ZN I . -12.94 1.82 -7.71
ZN ZN J . -9.10 2.02 -19.85
#